data_4GA6
#
_entry.id   4GA6
#
_cell.length_a   51.177
_cell.length_b   87.915
_cell.length_c   105.549
_cell.angle_alpha   90.00
_cell.angle_beta   98.77
_cell.angle_gamma   90.00
#
_symmetry.space_group_name_H-M   'P 1 21 1'
#
loop_
_entity.id
_entity.type
_entity.pdbx_description
1 polymer 'Putative thymidine phosphorylase'
2 non-polymer 'ADENOSINE MONOPHOSPHATE'
3 non-polymer 'SULFATE ION'
4 water water
#
_entity_poly.entity_id   1
_entity_poly.type   'polypeptide(L)'
_entity_poly.pdbx_seq_one_letter_code
;MKAKIRILDMFSGRYTVLINEEDAKEAKLHPDDLVKIEAGKKAVYGSVALSNLVGKGEVGISRDVLDLHNFSEGETVSVI
PAGTPESVRYIKKKMHGEKLRKVEIEAIVRDIVDRKLRDIEISSFVTALEINGLDMDEIAALTIAMAETGDMLDIDRKPI
MDVHSIGGVPGNKTNILVVPIVAAAGLTIPKTSSRAITSAAGTADVVEVFADVSFSLDEIKRIVEKVGACLVWGGALNLA
PADDITIKAERALSIDPTGLMLASIMSKKYAMGSQYVLIDIPTGKGVKVETVEEARSLARDFIELGKRLGQYVEVAITYG
GQPIGHTVGPALEAREALSALMTGKGPGSLIEKATGLAGILLEMGGVAPAGTGKKMAKEILESGKAWEKMKEIIEAQGGD
PNIKPEEIPIGDKTYTFTAATSGYVTAIDNRAITAIARAAGAPEDKGAGIELYVKVGEKVKEGDPLFTIHAEHEARLDQA
IVLARRTEPIRIEGNSSSVDKLAAALEHHHHHH
;
_entity_poly.pdbx_strand_id   A,B
#
loop_
_chem_comp.id
_chem_comp.type
_chem_comp.name
_chem_comp.formula
AMP non-polymer 'ADENOSINE MONOPHOSPHATE' 'C10 H14 N5 O7 P'
SO4 non-polymer 'SULFATE ION' 'O4 S -2'
#
# COMPACT_ATOMS: atom_id res chain seq x y z
N MET A 1 6.16 25.26 10.29
CA MET A 1 4.88 25.85 10.61
C MET A 1 4.56 25.61 12.08
N LYS A 2 4.42 26.69 12.83
CA LYS A 2 4.13 26.59 14.25
C LYS A 2 2.65 26.84 14.48
N ALA A 3 2.02 25.98 15.27
CA ALA A 3 0.58 26.03 15.48
C ALA A 3 0.13 25.55 16.85
N LYS A 4 -1.13 25.81 17.16
CA LYS A 4 -1.74 25.39 18.41
C LYS A 4 -2.61 24.18 18.15
N ILE A 5 -2.47 23.16 18.99
CA ILE A 5 -3.22 21.93 18.80
C ILE A 5 -4.71 22.00 19.12
N ARG A 6 -5.49 21.48 18.19
CA ARG A 6 -6.93 21.34 18.33
C ARG A 6 -7.21 19.86 18.12
N ILE A 7 -7.99 19.26 19.01
CA ILE A 7 -8.24 17.84 18.87
C ILE A 7 -9.56 17.61 18.14
N LEU A 8 -9.44 16.97 16.98
CA LEU A 8 -10.57 16.73 16.10
C LEU A 8 -11.13 15.34 16.28
N ASP A 9 -12.44 15.27 16.36
CA ASP A 9 -13.12 14.01 16.62
C ASP A 9 -13.38 13.19 15.37
N MET A 10 -12.35 12.50 14.89
CA MET A 10 -12.51 11.57 13.81
C MET A 10 -11.46 10.49 13.87
N PHE A 11 -11.81 9.29 13.46
CA PHE A 11 -10.85 8.20 13.40
C PHE A 11 -10.80 7.71 11.96
N SER A 12 -9.71 8.04 11.27
CA SER A 12 -9.51 7.60 9.90
C SER A 12 -8.73 6.30 9.84
N GLY A 13 -8.22 5.86 10.98
CA GLY A 13 -7.40 4.68 11.05
C GLY A 13 -5.95 4.98 10.76
N ARG A 14 -5.65 6.27 10.57
CA ARG A 14 -4.30 6.74 10.35
C ARG A 14 -4.17 7.99 11.19
N TYR A 15 -2.96 8.49 11.35
CA TYR A 15 -2.76 9.70 12.12
C TYR A 15 -3.04 10.82 11.14
N THR A 16 -4.08 11.60 11.43
CA THR A 16 -4.50 12.65 10.54
C THR A 16 -4.19 14.00 11.12
N VAL A 17 -3.57 14.85 10.33
CA VAL A 17 -3.31 16.21 10.75
C VAL A 17 -4.09 17.15 9.84
N LEU A 18 -4.99 17.93 10.42
CA LEU A 18 -5.75 18.90 9.65
C LEU A 18 -4.98 20.21 9.64
N ILE A 19 -4.70 20.68 8.45
CA ILE A 19 -3.97 21.92 8.27
C ILE A 19 -4.83 22.95 7.57
N ASN A 20 -4.77 24.18 8.05
CA ASN A 20 -5.53 25.27 7.47
C ASN A 20 -5.10 25.44 6.03
N GLU A 21 -6.07 25.63 5.15
CA GLU A 21 -5.79 25.73 3.72
C GLU A 21 -4.89 26.91 3.42
N GLU A 22 -5.15 28.06 4.04
CA GLU A 22 -4.27 29.19 3.94
C GLU A 22 -2.91 28.89 4.55
N ASP A 23 -2.90 28.26 5.72
CA ASP A 23 -1.64 27.87 6.35
C ASP A 23 -0.88 26.86 5.50
N ALA A 24 -1.60 25.89 4.96
CA ALA A 24 -1.00 24.86 4.13
C ALA A 24 -0.39 25.42 2.87
N LYS A 25 -1.09 26.36 2.26
CA LYS A 25 -0.61 27.01 1.04
C LYS A 25 0.67 27.77 1.33
N GLU A 26 0.66 28.49 2.45
CA GLU A 26 1.82 29.24 2.91
C GLU A 26 3.00 28.34 3.19
N ALA A 27 2.73 27.18 3.78
CA ALA A 27 3.77 26.24 4.18
C ALA A 27 4.13 25.22 3.10
N LYS A 28 3.48 25.31 1.95
CA LYS A 28 3.71 24.35 0.88
C LYS A 28 3.38 22.91 1.26
N LEU A 29 2.29 22.76 2.01
CA LEU A 29 1.85 21.46 2.45
C LEU A 29 0.71 20.95 1.57
N HIS A 30 0.85 19.72 1.11
CA HIS A 30 -0.11 19.09 0.23
C HIS A 30 -0.78 17.95 0.91
N PRO A 31 -1.94 17.55 0.41
CA PRO A 31 -2.69 16.47 1.03
C PRO A 31 -1.90 15.19 1.06
N ASP A 32 -1.98 14.50 2.19
CA ASP A 32 -1.29 13.24 2.42
C ASP A 32 0.22 13.40 2.50
N ASP A 33 0.68 14.61 2.74
CA ASP A 33 2.08 14.85 2.94
C ASP A 33 2.44 14.28 4.31
N LEU A 34 3.65 13.76 4.45
CA LEU A 34 4.09 13.30 5.76
C LEU A 34 4.72 14.48 6.51
N VAL A 35 4.22 14.74 7.70
CA VAL A 35 4.73 15.80 8.55
C VAL A 35 5.04 15.27 9.94
N LYS A 36 5.89 16.00 10.64
CA LYS A 36 6.19 15.69 12.01
C LYS A 36 5.64 16.81 12.87
N ILE A 37 4.92 16.45 13.92
CA ILE A 37 4.41 17.44 14.85
C ILE A 37 5.16 17.26 16.16
N GLU A 38 5.79 18.32 16.64
CA GLU A 38 6.58 18.24 17.86
C GLU A 38 6.41 19.47 18.73
N ALA A 39 6.52 19.29 20.03
CA ALA A 39 6.52 20.42 20.94
C ALA A 39 7.90 20.46 21.60
N GLY A 40 8.09 19.60 22.60
CA GLY A 40 9.38 19.44 23.24
C GLY A 40 9.96 18.11 22.84
N LYS A 41 10.04 17.19 23.79
CA LYS A 41 10.46 15.83 23.49
C LYS A 41 9.44 15.14 22.60
N LYS A 42 8.17 15.46 22.85
CA LYS A 42 7.06 14.81 22.17
C LYS A 42 7.05 15.01 20.65
N ALA A 43 6.92 13.90 19.93
CA ALA A 43 6.85 13.92 18.48
C ALA A 43 5.85 12.91 17.95
N VAL A 44 5.20 13.27 16.85
CA VAL A 44 4.30 12.36 16.15
C VAL A 44 4.37 12.59 14.64
N TYR A 45 4.14 11.54 13.88
CA TYR A 45 4.10 11.63 12.43
C TYR A 45 2.68 11.45 11.96
N GLY A 46 2.24 12.38 11.13
CA GLY A 46 0.89 12.39 10.62
C GLY A 46 0.77 12.64 9.12
N SER A 47 -0.37 12.27 8.56
CA SER A 47 -0.63 12.47 7.15
C SER A 47 -1.44 13.75 7.02
N VAL A 48 -0.99 14.64 6.15
CA VAL A 48 -1.66 15.92 5.99
C VAL A 48 -3.02 15.88 5.28
N ALA A 49 -3.97 16.60 5.87
CA ALA A 49 -5.28 16.83 5.30
C ALA A 49 -5.55 18.33 5.38
N LEU A 50 -6.01 18.93 4.28
CA LEU A 50 -6.29 20.36 4.25
C LEU A 50 -7.76 20.60 4.42
N SER A 51 -8.12 21.50 5.33
CA SER A 51 -9.52 21.83 5.56
C SER A 51 -9.71 23.17 6.26
N ASN A 52 -10.92 23.69 6.14
CA ASN A 52 -11.28 24.93 6.80
C ASN A 52 -11.89 24.62 8.16
N LEU A 53 -11.89 23.33 8.50
CA LEU A 53 -12.38 22.87 9.79
C LEU A 53 -11.49 23.48 10.87
N VAL A 54 -10.22 23.66 10.52
CA VAL A 54 -9.22 24.20 11.41
C VAL A 54 -8.96 25.67 11.10
N GLY A 55 -8.98 26.49 12.14
CA GLY A 55 -8.76 27.90 12.02
C GLY A 55 -7.29 28.15 11.77
N LYS A 56 -6.95 29.37 11.41
CA LYS A 56 -5.56 29.73 11.15
C LYS A 56 -4.75 29.60 12.42
N GLY A 57 -3.52 29.14 12.26
CA GLY A 57 -2.62 28.96 13.38
C GLY A 57 -3.02 27.73 14.15
N GLU A 58 -3.94 26.97 13.57
CA GLU A 58 -4.47 25.78 14.24
C GLU A 58 -4.19 24.48 13.50
N VAL A 59 -3.74 23.49 14.25
CA VAL A 59 -3.48 22.18 13.70
C VAL A 59 -4.38 21.14 14.36
N GLY A 60 -5.00 20.30 13.55
CA GLY A 60 -5.91 19.33 14.07
C GLY A 60 -5.32 17.94 14.04
N ILE A 61 -5.38 17.26 15.18
CA ILE A 61 -4.88 15.91 15.25
C ILE A 61 -6.04 15.01 15.58
N SER A 62 -6.11 13.90 14.88
CA SER A 62 -7.19 12.94 15.08
C SER A 62 -7.02 12.25 16.42
N ARG A 63 -8.09 11.61 16.87
CA ARG A 63 -8.12 10.93 18.15
C ARG A 63 -7.14 9.76 18.23
N ASP A 64 -6.74 9.26 17.06
CA ASP A 64 -5.80 8.16 16.99
C ASP A 64 -4.49 8.54 17.65
N VAL A 65 -4.07 9.79 17.48
CA VAL A 65 -2.80 10.27 17.99
C VAL A 65 -2.75 10.17 19.50
N LEU A 66 -3.91 10.31 20.12
CA LEU A 66 -4.04 10.39 21.57
C LEU A 66 -3.61 9.17 22.36
N ASP A 67 -3.86 7.98 21.83
CA ASP A 67 -3.62 6.77 22.60
C ASP A 67 -2.18 6.51 23.00
N LEU A 68 -1.24 6.70 22.08
CA LEU A 68 0.16 6.46 22.38
C LEU A 68 0.96 7.74 22.67
N HIS A 69 0.27 8.86 22.82
CA HIS A 69 0.92 10.15 22.99
C HIS A 69 0.23 11.03 24.00
N ASN A 70 0.82 12.19 24.26
CA ASN A 70 0.28 13.12 25.23
C ASN A 70 0.22 14.58 24.77
N PHE A 71 -0.68 14.90 23.85
CA PHE A 71 -0.80 16.28 23.40
C PHE A 71 -2.06 16.93 23.94
N SER A 72 -1.88 18.04 24.66
CA SER A 72 -3.00 18.80 25.23
C SER A 72 -3.64 19.76 24.23
N GLU A 73 -4.89 20.11 24.46
CA GLU A 73 -5.60 21.06 23.60
C GLU A 73 -5.07 22.49 23.78
N GLY A 74 -4.72 23.10 22.66
CA GLY A 74 -4.18 24.44 22.64
C GLY A 74 -2.67 24.49 22.80
N GLU A 75 -2.06 23.33 23.05
CA GLU A 75 -0.62 23.26 23.23
C GLU A 75 0.10 23.65 21.95
N THR A 76 1.09 24.51 22.05
CA THR A 76 1.83 24.94 20.88
C THR A 76 2.71 23.83 20.31
N VAL A 77 2.73 23.72 18.99
CA VAL A 77 3.49 22.67 18.33
C VAL A 77 4.14 23.17 17.06
N SER A 78 5.19 22.47 16.63
CA SER A 78 5.86 22.77 15.38
C SER A 78 5.55 21.71 14.34
N VAL A 79 5.10 22.14 13.17
CA VAL A 79 4.77 21.22 12.09
C VAL A 79 5.81 21.37 11.00
N ILE A 80 6.57 20.31 10.77
CA ILE A 80 7.62 20.32 9.77
C ILE A 80 7.49 19.16 8.81
N PRO A 81 7.69 19.43 7.53
CA PRO A 81 7.59 18.36 6.54
C PRO A 81 8.64 17.31 6.82
N ALA A 82 8.25 16.04 6.70
CA ALA A 82 9.15 14.94 6.97
C ALA A 82 9.48 14.19 5.70
N GLY A 83 10.77 13.93 5.53
CA GLY A 83 11.28 13.25 4.37
C GLY A 83 11.01 11.77 4.32
N THR A 84 11.23 11.18 3.16
CA THR A 84 11.05 9.77 3.01
C THR A 84 12.00 9.07 3.95
N PRO A 85 11.51 8.07 4.66
CA PRO A 85 12.34 7.34 5.62
C PRO A 85 13.47 6.58 4.97
N GLU A 86 14.61 6.50 5.65
CA GLU A 86 15.77 5.78 5.14
C GLU A 86 15.41 4.31 4.95
N SER A 87 14.46 3.84 5.76
CA SER A 87 14.01 2.44 5.79
C SER A 87 13.35 1.96 4.50
N VAL A 88 12.85 2.90 3.70
CA VAL A 88 12.23 2.58 2.42
C VAL A 88 13.30 1.91 1.58
N ARG A 89 14.53 2.33 1.80
CA ARG A 89 15.67 1.78 1.11
C ARG A 89 15.81 0.30 1.44
N TYR A 90 15.62 -0.04 2.71
CA TYR A 90 15.64 -1.43 3.15
C TYR A 90 14.49 -2.24 2.55
N ILE A 91 13.32 -1.61 2.44
CA ILE A 91 12.17 -2.26 1.85
C ILE A 91 12.50 -2.57 0.40
N LYS A 92 13.16 -1.62 -0.26
CA LYS A 92 13.61 -1.81 -1.63
C LYS A 92 14.61 -2.95 -1.74
N LYS A 93 15.48 -3.12 -0.75
CA LYS A 93 16.44 -4.22 -0.75
C LYS A 93 15.73 -5.58 -0.71
N LYS A 94 14.70 -5.69 0.13
CA LYS A 94 13.93 -6.93 0.21
C LYS A 94 13.24 -7.20 -1.13
N MET A 95 12.78 -6.13 -1.77
CA MET A 95 12.10 -6.21 -3.04
C MET A 95 13.02 -6.83 -4.08
N HIS A 96 14.30 -6.51 -3.98
CA HIS A 96 15.30 -7.00 -4.89
C HIS A 96 15.76 -8.39 -4.55
N GLY A 97 15.23 -8.93 -3.46
CA GLY A 97 15.57 -10.26 -3.02
C GLY A 97 16.74 -10.38 -2.05
N GLU A 98 17.24 -9.26 -1.56
CA GLU A 98 18.34 -9.28 -0.60
C GLU A 98 17.92 -9.51 0.85
N LYS A 99 18.75 -10.26 1.58
CA LYS A 99 18.56 -10.50 2.99
C LYS A 99 18.76 -9.21 3.76
N LEU A 100 17.89 -8.95 4.73
CA LEU A 100 18.00 -7.74 5.55
C LEU A 100 18.85 -7.95 6.80
N ARG A 101 19.66 -6.95 7.10
CA ARG A 101 20.47 -6.96 8.30
C ARG A 101 19.54 -6.76 9.47
N LYS A 102 19.99 -7.12 10.66
CA LYS A 102 19.17 -6.94 11.85
C LYS A 102 18.87 -5.47 12.06
N VAL A 103 19.87 -4.63 11.91
CA VAL A 103 19.70 -3.19 12.08
C VAL A 103 18.73 -2.62 11.06
N GLU A 104 18.74 -3.14 9.85
CA GLU A 104 17.79 -2.73 8.82
C GLU A 104 16.35 -3.12 9.16
N ILE A 105 16.18 -4.33 9.64
CA ILE A 105 14.89 -4.84 10.09
C ILE A 105 14.39 -4.02 11.28
N GLU A 106 15.30 -3.69 12.19
CA GLU A 106 14.97 -2.90 13.35
C GLU A 106 14.46 -1.54 12.92
N ALA A 107 15.12 -0.97 11.92
CA ALA A 107 14.75 0.34 11.38
C ALA A 107 13.36 0.34 10.76
N ILE A 108 13.03 -0.69 9.98
CA ILE A 108 11.71 -0.78 9.38
C ILE A 108 10.61 -0.87 10.43
N VAL A 109 10.79 -1.73 11.42
CA VAL A 109 9.77 -1.90 12.44
C VAL A 109 9.53 -0.64 13.26
N ARG A 110 10.59 0.02 13.69
CA ARG A 110 10.47 1.25 14.46
C ARG A 110 9.77 2.29 13.60
N ASP A 111 10.08 2.30 12.32
CA ASP A 111 9.43 3.19 11.37
C ASP A 111 7.95 2.90 11.27
N ILE A 112 7.60 1.63 11.31
CA ILE A 112 6.20 1.23 11.33
C ILE A 112 5.48 1.69 12.60
N VAL A 113 6.10 1.46 13.75
CA VAL A 113 5.53 1.89 15.01
C VAL A 113 5.42 3.41 15.04
N ASP A 114 6.44 4.08 14.54
CA ASP A 114 6.50 5.54 14.47
C ASP A 114 5.45 6.13 13.54
N ARG A 115 4.99 5.35 12.57
CA ARG A 115 4.03 5.83 11.58
C ARG A 115 4.70 6.65 10.50
N LYS A 116 6.03 6.59 10.46
CA LYS A 116 6.83 7.19 9.42
C LYS A 116 6.54 6.47 8.11
N LEU A 117 6.41 5.15 8.22
CA LEU A 117 6.06 4.29 7.12
C LEU A 117 4.55 4.11 7.15
N ARG A 118 3.92 4.29 6.01
CA ARG A 118 2.47 4.26 5.90
C ARG A 118 2.00 3.13 5.00
N ASP A 119 0.76 3.20 4.55
CA ASP A 119 0.13 2.08 3.88
C ASP A 119 0.88 1.66 2.61
N ILE A 120 1.32 2.62 1.82
CA ILE A 120 2.03 2.26 0.61
C ILE A 120 3.31 1.50 0.95
N GLU A 121 4.11 2.04 1.85
CA GLU A 121 5.35 1.39 2.25
C GLU A 121 5.16 0.06 2.96
N ILE A 122 4.22 0.00 3.89
CA ILE A 122 3.96 -1.23 4.61
C ILE A 122 3.46 -2.32 3.68
N SER A 123 2.54 -1.97 2.79
CA SER A 123 2.01 -2.92 1.84
C SER A 123 3.11 -3.43 0.93
N SER A 124 4.00 -2.54 0.52
CA SER A 124 5.13 -2.92 -0.31
C SER A 124 6.03 -3.92 0.41
N PHE A 125 6.33 -3.66 1.68
CA PHE A 125 7.15 -4.57 2.45
C PHE A 125 6.48 -5.93 2.61
N VAL A 126 5.20 -5.95 2.93
CA VAL A 126 4.47 -7.19 3.07
C VAL A 126 4.42 -8.00 1.77
N THR A 127 4.20 -7.31 0.66
CA THR A 127 4.16 -7.93 -0.66
C THR A 127 5.52 -8.51 -1.00
N ALA A 128 6.58 -7.79 -0.65
CA ALA A 128 7.93 -8.24 -0.88
C ALA A 128 8.21 -9.49 -0.07
N LEU A 129 7.77 -9.49 1.18
CA LEU A 129 7.97 -10.64 2.04
C LEU A 129 7.24 -11.84 1.45
N GLU A 130 6.03 -11.62 0.97
CA GLU A 130 5.24 -12.69 0.38
C GLU A 130 5.89 -13.31 -0.87
N ILE A 131 6.29 -12.47 -1.81
CA ILE A 131 7.04 -12.94 -2.98
C ILE A 131 8.47 -13.43 -2.74
N ASN A 132 9.26 -12.66 -1.99
CA ASN A 132 10.66 -13.01 -1.77
C ASN A 132 11.03 -13.79 -0.51
N GLY A 133 10.20 -13.71 0.52
CA GLY A 133 10.42 -14.50 1.72
C GLY A 133 11.46 -13.98 2.70
N LEU A 134 11.63 -14.72 3.79
CA LEU A 134 12.62 -14.44 4.82
C LEU A 134 13.32 -15.72 5.25
N ASP A 135 14.59 -15.65 5.62
CA ASP A 135 15.26 -16.79 6.23
C ASP A 135 15.05 -16.75 7.74
N MET A 136 15.52 -17.77 8.44
CA MET A 136 15.33 -17.83 9.89
C MET A 136 15.97 -16.65 10.64
N ASP A 137 17.13 -16.21 10.18
CA ASP A 137 17.78 -15.06 10.82
C ASP A 137 16.92 -13.80 10.71
N GLU A 138 16.36 -13.56 9.53
CA GLU A 138 15.50 -12.41 9.35
C GLU A 138 14.25 -12.47 10.20
N ILE A 139 13.62 -13.63 10.26
CA ILE A 139 12.43 -13.85 11.07
C ILE A 139 12.69 -13.68 12.57
N ALA A 140 13.77 -14.25 13.07
CA ALA A 140 14.09 -14.10 14.48
C ALA A 140 14.31 -12.64 14.82
N ALA A 141 15.05 -11.95 13.96
CA ALA A 141 15.31 -10.53 14.13
C ALA A 141 14.01 -9.72 14.05
N LEU A 142 13.17 -10.08 13.10
CA LEU A 142 11.89 -9.42 12.97
C LEU A 142 11.01 -9.65 14.20
N THR A 143 11.00 -10.87 14.70
CA THR A 143 10.18 -11.19 15.86
C THR A 143 10.62 -10.40 17.08
N ILE A 144 11.91 -10.41 17.37
CA ILE A 144 12.43 -9.72 18.54
C ILE A 144 12.19 -8.22 18.47
N ALA A 145 12.42 -7.63 17.31
CA ALA A 145 12.21 -6.21 17.10
C ALA A 145 10.75 -5.83 17.29
N MET A 146 9.86 -6.67 16.78
CA MET A 146 8.44 -6.42 16.93
C MET A 146 8.04 -6.44 18.40
N ALA A 147 8.54 -7.44 19.13
CA ALA A 147 8.29 -7.56 20.57
C ALA A 147 8.87 -6.42 21.39
N GLU A 148 10.11 -6.05 21.07
CA GLU A 148 10.83 -5.01 21.81
C GLU A 148 10.25 -3.62 21.68
N THR A 149 9.43 -3.41 20.67
CA THR A 149 8.91 -2.10 20.33
C THR A 149 7.63 -1.79 21.08
N GLY A 150 7.26 -2.70 21.95
CA GLY A 150 6.06 -2.60 22.73
C GLY A 150 6.34 -2.95 24.17
N ASP A 151 5.31 -2.84 24.99
CA ASP A 151 5.38 -3.22 26.39
C ASP A 151 5.38 -4.72 26.53
N MET A 152 5.82 -5.18 27.67
CA MET A 152 5.81 -6.59 27.94
C MET A 152 4.97 -6.88 29.17
N LEU A 153 4.08 -7.85 29.04
CA LEU A 153 3.20 -8.25 30.12
C LEU A 153 4.01 -8.90 31.23
N ASP A 154 3.68 -8.56 32.47
CA ASP A 154 4.33 -9.20 33.60
C ASP A 154 3.32 -9.94 34.47
N ILE A 155 3.41 -11.26 34.47
CA ILE A 155 2.49 -12.10 35.24
C ILE A 155 3.22 -12.84 36.34
N ASP A 156 2.72 -12.69 37.56
CA ASP A 156 3.35 -13.31 38.73
C ASP A 156 3.34 -14.84 38.76
N ARG A 157 2.47 -15.43 37.96
CA ARG A 157 2.39 -16.88 37.83
C ARG A 157 3.41 -17.38 36.82
N LYS A 158 3.84 -18.62 36.98
CA LYS A 158 4.71 -19.29 36.04
C LYS A 158 4.54 -20.78 36.27
N PRO A 159 4.83 -21.61 35.28
CA PRO A 159 5.19 -21.18 33.93
C PRO A 159 3.97 -20.69 33.16
N ILE A 160 4.22 -20.01 32.06
CA ILE A 160 3.13 -19.47 31.28
C ILE A 160 2.95 -20.28 30.01
N MET A 161 1.75 -20.82 29.86
CA MET A 161 1.40 -21.66 28.74
C MET A 161 0.67 -20.85 27.68
N ASP A 162 0.82 -21.26 26.43
CA ASP A 162 0.13 -20.59 25.35
C ASP A 162 -0.22 -21.53 24.22
N VAL A 163 -1.27 -21.19 23.51
CA VAL A 163 -1.67 -21.92 22.33
C VAL A 163 -1.95 -20.95 21.19
N HIS A 164 -1.53 -21.31 19.98
CA HIS A 164 -1.84 -20.53 18.81
C HIS A 164 -1.99 -21.37 17.59
N SER A 165 -2.92 -20.98 16.73
CA SER A 165 -3.18 -21.61 15.46
C SER A 165 -2.78 -20.68 14.33
N ILE A 166 -2.27 -21.25 13.24
CA ILE A 166 -1.96 -20.48 12.05
C ILE A 166 -3.24 -20.28 11.23
N GLY A 167 -4.34 -20.87 11.70
CA GLY A 167 -5.64 -20.79 11.07
C GLY A 167 -5.82 -21.32 9.65
N GLY A 168 -6.46 -20.53 8.80
CA GLY A 168 -6.76 -20.96 7.45
C GLY A 168 -7.96 -21.87 7.34
N VAL A 169 -8.00 -22.92 8.14
CA VAL A 169 -9.13 -23.84 8.18
C VAL A 169 -10.36 -23.13 8.71
N PRO A 170 -11.46 -23.25 7.99
CA PRO A 170 -12.72 -22.60 8.36
C PRO A 170 -13.32 -23.13 9.67
N GLY A 171 -14.00 -22.25 10.39
CA GLY A 171 -14.64 -22.57 11.64
C GLY A 171 -13.71 -23.09 12.74
N ASN A 172 -12.49 -22.56 12.81
CA ASN A 172 -11.52 -22.99 13.81
C ASN A 172 -11.65 -22.23 15.13
N LYS A 173 -12.74 -22.50 15.85
CA LYS A 173 -13.01 -21.87 17.12
C LYS A 173 -12.43 -22.71 18.25
N THR A 174 -11.57 -23.66 17.90
CA THR A 174 -11.11 -24.70 18.78
C THR A 174 -10.44 -24.21 20.05
N ASN A 175 -9.58 -23.21 19.92
CA ASN A 175 -8.83 -22.68 21.04
C ASN A 175 -9.72 -22.03 22.06
N ILE A 176 -10.94 -21.70 21.67
CA ILE A 176 -11.89 -21.18 22.63
C ILE A 176 -12.20 -22.25 23.68
N LEU A 177 -12.27 -23.51 23.26
CA LEU A 177 -12.39 -24.61 24.20
C LEU A 177 -11.10 -24.85 24.99
N VAL A 178 -9.99 -24.79 24.28
CA VAL A 178 -8.70 -25.17 24.82
C VAL A 178 -8.24 -24.35 26.01
N VAL A 179 -8.44 -23.03 25.95
CA VAL A 179 -8.00 -22.15 27.01
C VAL A 179 -8.70 -22.38 28.35
N PRO A 180 -10.03 -22.50 28.33
CA PRO A 180 -10.77 -22.76 29.56
C PRO A 180 -10.39 -24.12 30.15
N ILE A 181 -10.19 -25.10 29.29
CA ILE A 181 -9.78 -26.41 29.76
C ILE A 181 -8.41 -26.38 30.45
N VAL A 182 -7.43 -25.71 29.84
CA VAL A 182 -6.09 -25.61 30.41
C VAL A 182 -6.08 -24.82 31.72
N ALA A 183 -6.79 -23.71 31.73
CA ALA A 183 -6.94 -22.86 32.91
C ALA A 183 -7.65 -23.56 34.05
N ALA A 184 -8.63 -24.39 33.69
CA ALA A 184 -9.42 -25.14 34.63
C ALA A 184 -8.52 -26.08 35.44
N ALA A 185 -7.49 -26.59 34.79
CA ALA A 185 -6.53 -27.51 35.40
C ALA A 185 -5.56 -26.74 36.29
N GLY A 186 -5.75 -25.44 36.37
CA GLY A 186 -4.94 -24.55 37.16
C GLY A 186 -3.73 -23.92 36.48
N LEU A 187 -3.48 -24.27 35.22
CA LEU A 187 -2.39 -23.66 34.47
C LEU A 187 -2.69 -22.23 34.04
N THR A 188 -1.65 -21.45 33.80
CA THR A 188 -1.82 -20.06 33.39
C THR A 188 -1.72 -19.96 31.87
N ILE A 189 -2.80 -19.53 31.24
CA ILE A 189 -2.88 -19.43 29.79
C ILE A 189 -3.46 -18.12 29.29
N PRO A 190 -2.62 -17.09 29.17
CA PRO A 190 -3.14 -15.81 28.73
C PRO A 190 -3.10 -15.77 27.19
N LYS A 191 -4.25 -15.94 26.58
CA LYS A 191 -4.31 -16.02 25.14
C LYS A 191 -4.65 -14.71 24.43
N THR A 192 -3.90 -14.45 23.36
CA THR A 192 -4.17 -13.34 22.47
C THR A 192 -4.49 -13.90 21.09
N SER A 193 -5.46 -13.29 20.42
CA SER A 193 -5.86 -13.70 19.09
C SER A 193 -6.08 -12.51 18.16
N SER A 194 -5.73 -12.67 16.90
CA SER A 194 -6.04 -11.67 15.90
C SER A 194 -7.47 -11.84 15.42
N ARG A 195 -7.93 -10.84 14.67
CA ARG A 195 -9.17 -10.88 13.93
C ARG A 195 -8.92 -11.62 12.64
N ALA A 196 -9.96 -11.83 11.85
CA ALA A 196 -9.82 -12.61 10.64
C ALA A 196 -8.83 -11.99 9.68
N ILE A 197 -7.96 -12.82 9.11
CA ILE A 197 -7.09 -12.34 8.06
C ILE A 197 -7.49 -12.95 6.72
N THR A 198 -7.28 -14.25 6.53
CA THR A 198 -7.73 -14.93 5.32
C THR A 198 -9.09 -15.62 5.47
N SER A 199 -9.76 -15.39 6.59
CA SER A 199 -10.95 -16.15 6.93
C SER A 199 -12.17 -15.31 7.29
N ALA A 200 -13.28 -16.00 7.47
CA ALA A 200 -14.54 -15.41 7.87
C ALA A 200 -14.55 -14.86 9.29
N ALA A 201 -13.92 -15.59 10.21
CA ALA A 201 -13.84 -15.14 11.58
C ALA A 201 -12.53 -15.50 12.23
N GLY A 202 -11.84 -14.49 12.74
CA GLY A 202 -10.69 -14.68 13.59
C GLY A 202 -11.24 -15.01 14.98
N THR A 203 -10.42 -15.61 15.83
CA THR A 203 -10.86 -16.01 17.17
C THR A 203 -11.33 -14.82 18.00
N ALA A 204 -10.68 -13.69 17.83
CA ALA A 204 -11.08 -12.48 18.53
C ALA A 204 -12.48 -12.08 18.11
N ASP A 205 -12.78 -12.26 16.83
CA ASP A 205 -14.10 -11.93 16.29
C ASP A 205 -15.15 -12.80 16.95
N VAL A 206 -14.84 -14.09 17.11
CA VAL A 206 -15.74 -15.01 17.76
C VAL A 206 -15.96 -14.72 19.24
N VAL A 207 -14.88 -14.49 19.98
CA VAL A 207 -14.94 -14.18 21.40
C VAL A 207 -15.71 -12.89 21.67
N GLU A 208 -15.55 -11.93 20.76
CA GLU A 208 -16.16 -10.62 20.89
C GLU A 208 -17.68 -10.72 20.87
N VAL A 209 -18.19 -11.82 20.36
CA VAL A 209 -19.62 -12.02 20.32
C VAL A 209 -20.20 -12.02 21.73
N PHE A 210 -19.53 -12.72 22.64
CA PHE A 210 -19.98 -12.86 24.02
C PHE A 210 -19.20 -12.11 25.11
N ALA A 211 -18.08 -11.51 24.75
CA ALA A 211 -17.28 -10.73 25.70
C ALA A 211 -16.46 -9.67 25.03
N ASP A 212 -16.04 -8.64 25.78
CA ASP A 212 -15.13 -7.64 25.27
C ASP A 212 -13.78 -8.32 25.05
N VAL A 213 -13.08 -7.90 24.01
CA VAL A 213 -11.77 -8.46 23.74
C VAL A 213 -10.65 -7.41 23.68
N SER A 214 -11.01 -6.15 23.80
CA SER A 214 -10.03 -5.08 23.74
C SER A 214 -9.71 -4.56 25.12
N PHE A 215 -8.48 -4.81 25.56
CA PHE A 215 -8.06 -4.41 26.88
C PHE A 215 -6.67 -3.81 26.89
N SER A 216 -6.36 -3.06 27.92
CA SER A 216 -5.00 -2.58 28.16
C SER A 216 -4.20 -3.72 28.76
N LEU A 217 -2.88 -3.64 28.65
CA LEU A 217 -2.00 -4.67 29.21
C LEU A 217 -2.16 -4.76 30.73
N ASP A 218 -2.41 -3.62 31.36
CA ASP A 218 -2.65 -3.61 32.77
C ASP A 218 -3.93 -4.37 33.09
N GLU A 219 -4.97 -4.12 32.31
CA GLU A 219 -6.24 -4.80 32.51
C GLU A 219 -6.06 -6.29 32.31
N ILE A 220 -5.23 -6.64 31.34
CA ILE A 220 -4.93 -8.03 31.05
C ILE A 220 -4.22 -8.74 32.19
N LYS A 221 -3.31 -8.05 32.85
CA LYS A 221 -2.60 -8.63 33.98
C LYS A 221 -3.57 -8.95 35.11
N ARG A 222 -4.45 -8.02 35.41
CA ARG A 222 -5.41 -8.19 36.48
C ARG A 222 -6.33 -9.38 36.23
N ILE A 223 -6.82 -9.49 35.00
CA ILE A 223 -7.70 -10.57 34.61
C ILE A 223 -7.00 -11.93 34.72
N VAL A 224 -5.82 -12.03 34.15
CA VAL A 224 -5.06 -13.26 34.18
C VAL A 224 -4.64 -13.66 35.60
N GLU A 225 -4.24 -12.67 36.39
CA GLU A 225 -3.85 -12.98 37.75
C GLU A 225 -5.04 -13.50 38.56
N LYS A 226 -6.18 -12.84 38.44
CA LYS A 226 -7.37 -13.34 39.08
C LYS A 226 -7.94 -14.66 38.53
N VAL A 227 -8.09 -14.75 37.21
CA VAL A 227 -8.72 -15.90 36.56
C VAL A 227 -7.78 -17.01 36.08
N GLY A 228 -6.53 -16.66 35.83
CA GLY A 228 -5.55 -17.61 35.33
C GLY A 228 -5.53 -17.75 33.81
N ALA A 229 -6.41 -17.04 33.14
CA ALA A 229 -6.46 -17.06 31.69
C ALA A 229 -7.16 -15.84 31.12
N CYS A 230 -7.04 -15.64 29.81
CA CYS A 230 -7.78 -14.62 29.09
C CYS A 230 -7.95 -15.02 27.62
N LEU A 231 -8.97 -14.46 26.97
CA LEU A 231 -9.15 -14.63 25.54
C LEU A 231 -9.35 -13.23 24.98
N VAL A 232 -8.25 -12.63 24.54
CA VAL A 232 -8.24 -11.22 24.18
C VAL A 232 -7.68 -10.96 22.79
N TRP A 233 -8.00 -9.79 22.26
CA TRP A 233 -7.49 -9.40 20.98
C TRP A 233 -6.11 -8.82 21.12
N GLY A 234 -5.16 -9.39 20.39
CA GLY A 234 -3.78 -8.97 20.37
C GLY A 234 -3.58 -7.56 19.88
N GLY A 235 -4.42 -7.18 18.92
CA GLY A 235 -4.40 -5.87 18.31
C GLY A 235 -4.70 -4.68 19.21
N ALA A 236 -5.60 -4.88 20.14
CA ALA A 236 -6.12 -3.80 20.97
C ALA A 236 -5.08 -3.15 21.85
N LEU A 237 -3.94 -3.80 22.01
CA LEU A 237 -2.97 -3.31 22.96
C LEU A 237 -1.58 -3.10 22.39
N ASN A 238 -0.76 -2.40 23.14
CA ASN A 238 0.59 -2.14 22.70
C ASN A 238 1.49 -3.32 22.97
N LEU A 239 1.11 -4.46 22.39
CA LEU A 239 1.94 -5.63 22.39
C LEU A 239 2.26 -5.84 20.93
N ALA A 240 3.54 -5.78 20.58
CA ALA A 240 3.94 -5.96 19.19
C ALA A 240 3.14 -5.07 18.24
N PRO A 241 3.15 -3.76 18.48
CA PRO A 241 2.33 -2.81 17.72
C PRO A 241 2.63 -2.86 16.23
N ALA A 242 3.86 -3.19 15.87
CA ALA A 242 4.24 -3.26 14.48
C ALA A 242 3.37 -4.32 13.84
N ASP A 243 3.11 -5.38 14.57
CA ASP A 243 2.32 -6.47 14.07
C ASP A 243 0.88 -6.06 13.74
N ASP A 244 0.28 -5.23 14.57
CA ASP A 244 -1.09 -4.83 14.33
C ASP A 244 -1.21 -4.07 13.00
N ILE A 245 -0.28 -3.17 12.76
CA ILE A 245 -0.25 -2.42 11.52
C ILE A 245 0.01 -3.29 10.29
N THR A 246 0.94 -4.22 10.40
CA THR A 246 1.28 -5.13 9.32
C THR A 246 0.12 -6.06 8.93
N ILE A 247 -0.65 -6.49 9.92
CA ILE A 247 -1.76 -7.39 9.70
C ILE A 247 -2.82 -6.75 8.82
N LYS A 248 -3.01 -5.44 8.96
CA LYS A 248 -4.01 -4.73 8.19
C LYS A 248 -3.73 -4.83 6.70
N ALA A 249 -2.46 -4.73 6.33
CA ALA A 249 -2.09 -4.92 4.94
C ALA A 249 -2.37 -6.36 4.52
N GLU A 250 -2.05 -7.30 5.39
CA GLU A 250 -2.25 -8.71 5.09
C GLU A 250 -3.73 -9.02 4.89
N ARG A 251 -4.56 -8.43 5.75
CA ARG A 251 -5.99 -8.62 5.69
C ARG A 251 -6.57 -8.09 4.39
N ALA A 252 -6.12 -6.91 3.97
CA ALA A 252 -6.59 -6.30 2.72
C ALA A 252 -6.23 -7.15 1.51
N LEU A 253 -5.03 -7.71 1.51
CA LEU A 253 -4.55 -8.50 0.40
C LEU A 253 -4.90 -9.98 0.48
N SER A 254 -5.50 -10.38 1.60
CA SER A 254 -5.85 -11.79 1.80
C SER A 254 -4.62 -12.70 1.73
N ILE A 255 -3.54 -12.26 2.34
CA ILE A 255 -2.33 -13.06 2.40
C ILE A 255 -1.75 -13.11 3.82
N ASP A 256 -1.03 -14.18 4.11
CA ASP A 256 -0.36 -14.36 5.38
C ASP A 256 1.02 -14.97 5.11
N PRO A 257 1.99 -14.17 4.67
CA PRO A 257 3.30 -14.75 4.33
C PRO A 257 3.91 -15.46 5.55
N THR A 258 4.48 -16.63 5.32
CA THR A 258 4.90 -17.50 6.41
C THR A 258 5.94 -16.91 7.36
N GLY A 259 6.95 -16.24 6.82
CA GLY A 259 7.92 -15.59 7.65
C GLY A 259 7.29 -14.51 8.51
N LEU A 260 6.41 -13.71 7.93
CA LEU A 260 5.69 -12.70 8.66
C LEU A 260 4.77 -13.31 9.72
N MET A 261 4.12 -14.42 9.36
CA MET A 261 3.22 -15.14 10.25
C MET A 261 3.96 -15.69 11.48
N LEU A 262 5.14 -16.25 11.24
CA LEU A 262 5.97 -16.76 12.30
C LEU A 262 6.36 -15.64 13.24
N ALA A 263 6.79 -14.51 12.68
CA ALA A 263 7.15 -13.35 13.49
C ALA A 263 5.96 -12.78 14.24
N SER A 264 4.81 -12.75 13.58
CA SER A 264 3.60 -12.23 14.22
C SER A 264 3.09 -13.03 15.42
N ILE A 265 2.96 -14.34 15.29
CA ILE A 265 2.53 -15.14 16.44
C ILE A 265 3.55 -15.17 17.58
N MET A 266 4.79 -15.49 17.25
CA MET A 266 5.87 -15.61 18.22
C MET A 266 6.22 -14.30 18.93
N SER A 267 6.14 -13.18 18.23
CA SER A 267 6.44 -11.89 18.86
C SER A 267 5.45 -11.59 19.98
N LYS A 268 4.18 -11.90 19.75
CA LYS A 268 3.17 -11.75 20.78
C LYS A 268 3.42 -12.69 21.97
N LYS A 269 3.88 -13.91 21.68
CA LYS A 269 4.17 -14.88 22.73
C LYS A 269 5.30 -14.39 23.62
N TYR A 270 6.35 -13.88 22.99
CA TYR A 270 7.49 -13.35 23.70
C TYR A 270 7.11 -12.14 24.54
N ALA A 271 6.28 -11.29 23.98
CA ALA A 271 5.80 -10.12 24.69
C ALA A 271 4.96 -10.48 25.92
N MET A 272 4.16 -11.53 25.81
CA MET A 272 3.33 -12.03 26.90
C MET A 272 4.10 -12.81 27.96
N GLY A 273 5.34 -13.16 27.67
CA GLY A 273 6.15 -13.95 28.57
C GLY A 273 5.92 -15.45 28.52
N SER A 274 5.27 -15.92 27.47
CA SER A 274 4.98 -17.33 27.33
C SER A 274 6.24 -18.17 27.24
N GLN A 275 6.27 -19.24 28.03
CA GLN A 275 7.39 -20.15 28.07
C GLN A 275 7.12 -21.47 27.37
N TYR A 276 5.91 -22.01 27.54
CA TYR A 276 5.51 -23.24 26.89
C TYR A 276 4.39 -22.93 25.88
N VAL A 277 4.69 -23.12 24.61
CA VAL A 277 3.77 -22.75 23.56
C VAL A 277 3.37 -23.91 22.67
N LEU A 278 2.08 -24.00 22.39
CA LEU A 278 1.57 -25.02 21.51
C LEU A 278 1.08 -24.40 20.21
N ILE A 279 1.63 -24.85 19.11
CA ILE A 279 1.25 -24.34 17.81
C ILE A 279 0.43 -25.38 17.03
N ASP A 280 -0.74 -24.97 16.56
CA ASP A 280 -1.58 -25.81 15.73
C ASP A 280 -1.48 -25.45 14.25
N ILE A 281 -1.15 -26.42 13.43
CA ILE A 281 -1.06 -26.22 11.99
C ILE A 281 -2.12 -27.06 11.23
N PRO A 282 -3.21 -26.43 10.84
CA PRO A 282 -4.19 -27.17 10.04
C PRO A 282 -3.58 -27.54 8.71
N THR A 283 -3.63 -28.82 8.36
CA THR A 283 -3.00 -29.28 7.14
C THR A 283 -3.96 -30.00 6.20
N GLY A 284 -3.88 -29.64 4.92
CA GLY A 284 -4.72 -30.26 3.91
C GLY A 284 -5.08 -29.33 2.78
N LYS A 285 -5.93 -29.81 1.88
CA LYS A 285 -6.39 -29.03 0.74
C LYS A 285 -7.19 -27.82 1.19
N GLY A 286 -6.98 -26.68 0.54
CA GLY A 286 -7.68 -25.46 0.85
C GLY A 286 -7.16 -24.57 1.97
N VAL A 287 -6.00 -24.90 2.52
CA VAL A 287 -5.43 -24.17 3.64
C VAL A 287 -3.98 -23.78 3.42
N LYS A 288 -3.42 -23.05 4.36
CA LYS A 288 -2.08 -22.49 4.25
C LYS A 288 -1.02 -23.55 4.04
N VAL A 289 -1.24 -24.75 4.56
CA VAL A 289 -0.28 -25.81 4.33
C VAL A 289 -0.98 -27.02 3.72
N GLU A 290 -0.72 -27.28 2.45
CA GLU A 290 -1.30 -28.40 1.75
C GLU A 290 -0.86 -29.79 2.19
N THR A 291 0.41 -29.94 2.53
CA THR A 291 0.99 -31.25 2.82
C THR A 291 1.69 -31.38 4.17
N VAL A 292 1.81 -32.62 4.65
CA VAL A 292 2.49 -32.92 5.91
C VAL A 292 3.97 -32.53 5.87
N GLU A 293 4.61 -32.72 4.73
CA GLU A 293 6.00 -32.32 4.58
C GLU A 293 6.09 -30.82 4.77
N GLU A 294 5.14 -30.10 4.19
CA GLU A 294 5.04 -28.67 4.38
C GLU A 294 4.77 -28.31 5.82
N ALA A 295 3.88 -29.06 6.47
CA ALA A 295 3.58 -28.83 7.87
C ALA A 295 4.78 -29.10 8.79
N ARG A 296 5.48 -30.19 8.52
CA ARG A 296 6.64 -30.57 9.31
C ARG A 296 7.73 -29.51 9.21
N SER A 297 7.91 -29.02 8.00
CA SER A 297 8.88 -27.98 7.73
C SER A 297 8.50 -26.71 8.48
N LEU A 298 7.22 -26.36 8.43
CA LEU A 298 6.73 -25.20 9.15
C LEU A 298 6.87 -25.38 10.66
N ALA A 299 6.67 -26.60 11.13
CA ALA A 299 6.77 -26.92 12.55
C ALA A 299 8.19 -26.70 13.07
N ARG A 300 9.17 -27.09 12.27
CA ARG A 300 10.55 -26.90 12.62
C ARG A 300 10.86 -25.42 12.75
N ASP A 301 10.29 -24.59 11.90
CA ASP A 301 10.50 -23.16 11.99
C ASP A 301 9.99 -22.62 13.30
N PHE A 302 8.78 -23.03 13.66
CA PHE A 302 8.18 -22.56 14.90
C PHE A 302 9.05 -23.01 16.08
N ILE A 303 9.49 -24.26 16.05
CA ILE A 303 10.35 -24.79 17.08
C ILE A 303 11.73 -24.14 17.15
N GLU A 304 12.39 -23.95 16.02
CA GLU A 304 13.67 -23.26 16.01
C GLU A 304 13.52 -21.82 16.48
N LEU A 305 12.48 -21.15 16.02
CA LEU A 305 12.24 -19.76 16.38
C LEU A 305 12.00 -19.57 17.85
N GLY A 306 11.23 -20.47 18.45
CA GLY A 306 10.98 -20.46 19.86
C GLY A 306 12.25 -20.67 20.66
N LYS A 307 13.11 -21.56 20.19
CA LYS A 307 14.35 -21.88 20.87
C LYS A 307 15.24 -20.64 20.96
N ARG A 308 15.23 -19.84 19.90
CA ARG A 308 15.93 -18.56 19.81
C ARG A 308 15.36 -17.51 20.75
N LEU A 309 14.08 -17.62 21.07
CA LEU A 309 13.42 -16.69 21.98
C LEU A 309 13.42 -17.24 23.40
N GLY A 310 14.07 -18.38 23.58
CA GLY A 310 14.06 -19.05 24.86
C GLY A 310 12.76 -19.73 25.23
N GLN A 311 11.94 -20.07 24.23
CA GLN A 311 10.64 -20.67 24.48
C GLN A 311 10.58 -22.14 24.11
N TYR A 312 9.84 -22.91 24.90
CA TYR A 312 9.64 -24.32 24.60
C TYR A 312 8.43 -24.46 23.69
N VAL A 313 8.64 -24.99 22.49
CA VAL A 313 7.57 -25.07 21.52
C VAL A 313 7.25 -26.46 21.03
N GLU A 314 5.99 -26.80 21.08
CA GLU A 314 5.51 -28.08 20.58
C GLU A 314 4.44 -27.84 19.51
N VAL A 315 4.48 -28.64 18.46
CA VAL A 315 3.57 -28.44 17.35
C VAL A 315 2.68 -29.64 17.03
N ALA A 316 1.41 -29.35 16.85
CA ALA A 316 0.47 -30.38 16.45
C ALA A 316 0.03 -30.13 15.02
N ILE A 317 0.31 -31.10 14.16
CA ILE A 317 -0.12 -31.01 12.79
C ILE A 317 -1.46 -31.73 12.71
N THR A 318 -2.51 -30.93 12.51
CA THR A 318 -3.88 -31.39 12.52
C THR A 318 -4.52 -31.34 11.13
N TYR A 319 -5.63 -32.05 10.94
CA TYR A 319 -6.28 -32.12 9.65
C TYR A 319 -7.11 -30.88 9.39
N GLY A 320 -6.77 -30.17 8.32
CA GLY A 320 -7.46 -28.97 7.92
C GLY A 320 -8.24 -29.07 6.61
N GLY A 321 -8.48 -30.29 6.15
CA GLY A 321 -9.11 -30.54 4.88
C GLY A 321 -10.52 -29.99 4.73
N GLN A 322 -11.20 -29.87 5.86
CA GLN A 322 -12.56 -29.38 5.90
C GLN A 322 -12.76 -28.52 7.11
N PRO A 323 -13.91 -27.87 7.19
CA PRO A 323 -14.21 -27.02 8.32
C PRO A 323 -14.30 -27.81 9.61
N ILE A 324 -13.94 -27.17 10.70
CA ILE A 324 -13.98 -27.77 12.01
C ILE A 324 -15.34 -27.49 12.59
N GLY A 325 -16.00 -28.53 13.07
CA GLY A 325 -17.32 -28.33 13.61
C GLY A 325 -18.33 -28.08 12.52
N HIS A 326 -19.45 -27.46 12.90
CA HIS A 326 -20.52 -27.18 11.98
C HIS A 326 -20.73 -25.72 11.67
N THR A 327 -19.85 -24.85 12.11
CA THR A 327 -20.10 -23.43 11.92
C THR A 327 -18.93 -22.55 11.41
N VAL A 328 -19.29 -21.57 10.60
CA VAL A 328 -18.36 -20.56 10.08
C VAL A 328 -18.97 -19.18 10.29
N GLY A 329 -18.21 -18.24 10.82
CA GLY A 329 -18.71 -16.91 11.12
C GLY A 329 -18.79 -16.72 12.62
N PRO A 330 -18.70 -15.48 13.07
CA PRO A 330 -18.53 -15.24 14.51
C PRO A 330 -19.64 -15.67 15.47
N ALA A 331 -20.88 -15.27 15.27
CA ALA A 331 -21.93 -15.69 16.17
C ALA A 331 -22.17 -17.19 16.15
N LEU A 332 -22.19 -17.78 14.97
CA LEU A 332 -22.44 -19.21 14.83
C LEU A 332 -21.36 -20.03 15.51
N GLU A 333 -20.10 -19.66 15.31
CA GLU A 333 -18.96 -20.30 15.95
C GLU A 333 -18.97 -20.12 17.47
N ALA A 334 -19.38 -18.94 17.92
CA ALA A 334 -19.49 -18.68 19.33
C ALA A 334 -20.53 -19.57 19.98
N ARG A 335 -21.67 -19.72 19.30
CA ARG A 335 -22.76 -20.53 19.81
C ARG A 335 -22.30 -21.97 19.93
N GLU A 336 -21.60 -22.43 18.91
CA GLU A 336 -21.04 -23.77 18.91
C GLU A 336 -19.96 -23.97 19.99
N ALA A 337 -19.06 -23.01 20.16
CA ALA A 337 -18.04 -23.10 21.20
C ALA A 337 -18.63 -23.05 22.60
N LEU A 338 -19.53 -22.11 22.84
CA LEU A 338 -20.14 -21.99 24.15
C LEU A 338 -20.99 -23.19 24.56
N SER A 339 -21.84 -23.68 23.67
CA SER A 339 -22.66 -24.83 23.97
C SER A 339 -21.83 -26.09 24.21
N ALA A 340 -20.76 -26.26 23.44
CA ALA A 340 -19.90 -27.41 23.61
C ALA A 340 -19.26 -27.38 25.00
N LEU A 341 -18.83 -26.21 25.44
CA LEU A 341 -18.30 -26.07 26.78
C LEU A 341 -19.35 -26.26 27.88
N MET A 342 -20.49 -25.59 27.75
CA MET A 342 -21.55 -25.66 28.74
C MET A 342 -22.19 -27.04 28.92
N THR A 343 -22.46 -27.72 27.82
CA THR A 343 -23.03 -29.06 27.88
C THR A 343 -21.95 -30.15 27.89
N GLY A 344 -20.75 -29.80 27.46
CA GLY A 344 -19.68 -30.76 27.38
C GLY A 344 -19.81 -31.60 26.14
N LYS A 345 -20.80 -31.27 25.32
CA LYS A 345 -21.09 -32.04 24.12
C LYS A 345 -21.13 -31.17 22.87
N GLY A 346 -20.67 -31.72 21.75
CA GLY A 346 -20.62 -30.99 20.50
C GLY A 346 -20.04 -31.82 19.39
N PRO A 347 -19.73 -31.20 18.26
CA PRO A 347 -19.23 -31.94 17.10
C PRO A 347 -17.91 -32.64 17.38
N GLY A 348 -17.78 -33.85 16.87
CA GLY A 348 -16.62 -34.67 17.11
C GLY A 348 -15.36 -34.00 16.62
N SER A 349 -15.46 -33.34 15.48
CA SER A 349 -14.28 -32.70 14.93
C SER A 349 -13.74 -31.62 15.89
N LEU A 350 -14.62 -30.79 16.43
CA LEU A 350 -14.21 -29.79 17.39
C LEU A 350 -13.71 -30.35 18.73
N ILE A 351 -14.49 -31.24 19.33
CA ILE A 351 -14.15 -31.78 20.63
C ILE A 351 -12.85 -32.57 20.61
N GLU A 352 -12.67 -33.44 19.64
CA GLU A 352 -11.46 -34.23 19.53
C GLU A 352 -10.21 -33.37 19.34
N LYS A 353 -10.30 -32.36 18.49
CA LYS A 353 -9.16 -31.48 18.29
C LYS A 353 -8.82 -30.67 19.53
N ALA A 354 -9.84 -30.11 20.15
CA ALA A 354 -9.67 -29.29 21.34
C ALA A 354 -9.11 -30.08 22.54
N THR A 355 -9.63 -31.28 22.77
CA THR A 355 -9.14 -32.13 23.84
C THR A 355 -7.71 -32.58 23.58
N GLY A 356 -7.39 -32.91 22.35
CA GLY A 356 -6.04 -33.28 22.00
C GLY A 356 -5.04 -32.16 22.20
N LEU A 357 -5.39 -30.95 21.78
CA LEU A 357 -4.52 -29.78 21.99
C LEU A 357 -4.36 -29.41 23.46
N ALA A 358 -5.46 -29.40 24.19
CA ALA A 358 -5.45 -29.10 25.61
C ALA A 358 -4.62 -30.13 26.38
N GLY A 359 -4.73 -31.38 25.95
CA GLY A 359 -4.02 -32.51 26.52
C GLY A 359 -2.51 -32.41 26.39
N ILE A 360 -2.05 -31.91 25.25
CA ILE A 360 -0.64 -31.68 25.04
C ILE A 360 -0.16 -30.62 26.01
N LEU A 361 -0.92 -29.55 26.15
CA LEU A 361 -0.61 -28.48 27.08
C LEU A 361 -0.61 -28.95 28.55
N LEU A 362 -1.55 -29.81 28.91
CA LEU A 362 -1.65 -30.33 30.27
C LEU A 362 -0.42 -31.14 30.62
N GLU A 363 0.03 -31.95 29.69
CA GLU A 363 1.25 -32.69 29.84
C GLU A 363 2.47 -31.78 29.90
N MET A 364 2.51 -30.77 29.05
CA MET A 364 3.59 -29.78 29.03
C MET A 364 3.63 -29.03 30.35
N GLY A 365 2.44 -28.69 30.85
CA GLY A 365 2.29 -27.97 32.10
C GLY A 365 2.60 -28.82 33.33
N GLY A 366 2.74 -30.12 33.14
CA GLY A 366 3.01 -31.04 34.22
C GLY A 366 1.81 -31.45 35.06
N VAL A 367 0.61 -31.09 34.64
CA VAL A 367 -0.57 -31.46 35.39
C VAL A 367 -1.16 -32.80 34.95
N ALA A 368 -0.63 -33.34 33.86
CA ALA A 368 -1.07 -34.62 33.37
C ALA A 368 0.11 -35.50 33.03
N PRO A 369 0.04 -36.75 33.45
CA PRO A 369 1.13 -37.69 33.21
C PRO A 369 1.22 -38.01 31.75
N ALA A 370 2.35 -38.53 31.30
CA ALA A 370 2.53 -38.76 29.89
C ALA A 370 1.47 -39.70 29.34
N GLY A 371 0.85 -39.25 28.26
CA GLY A 371 -0.17 -40.01 27.56
C GLY A 371 -1.57 -39.92 28.11
N THR A 372 -1.77 -39.17 29.20
CA THR A 372 -3.09 -39.05 29.80
C THR A 372 -3.73 -37.67 29.63
N GLY A 373 -3.04 -36.78 28.93
CA GLY A 373 -3.51 -35.43 28.77
C GLY A 373 -4.83 -35.25 28.04
N LYS A 374 -4.99 -35.95 26.92
CA LYS A 374 -6.24 -35.86 26.18
C LYS A 374 -7.42 -36.36 27.01
N LYS A 375 -7.24 -37.48 27.70
CA LYS A 375 -8.27 -38.01 28.56
C LYS A 375 -8.58 -37.02 29.68
N MET A 376 -7.57 -36.42 30.28
CA MET A 376 -7.79 -35.45 31.34
C MET A 376 -8.56 -34.24 30.83
N ALA A 377 -8.27 -33.84 29.61
CA ALA A 377 -8.95 -32.72 28.97
C ALA A 377 -10.45 -33.01 28.78
N LYS A 378 -10.77 -34.24 28.39
CA LYS A 378 -12.14 -34.69 28.23
C LYS A 378 -12.91 -34.67 29.55
N GLU A 379 -12.27 -35.11 30.62
CA GLU A 379 -12.88 -35.09 31.95
C GLU A 379 -13.15 -33.66 32.42
N ILE A 380 -12.20 -32.77 32.16
CA ILE A 380 -12.38 -31.38 32.51
C ILE A 380 -13.55 -30.78 31.73
N LEU A 381 -13.61 -31.07 30.44
CA LEU A 381 -14.72 -30.60 29.62
C LEU A 381 -16.08 -31.19 30.02
N GLU A 382 -16.13 -32.51 30.15
CA GLU A 382 -17.35 -33.24 30.51
C GLU A 382 -17.92 -32.95 31.89
N SER A 383 -17.05 -32.71 32.87
CA SER A 383 -17.45 -32.40 34.23
C SER A 383 -18.00 -30.98 34.40
N GLY A 384 -17.85 -30.19 33.36
CA GLY A 384 -18.28 -28.81 33.39
C GLY A 384 -17.28 -27.88 34.04
N LYS A 385 -16.08 -28.40 34.31
CA LYS A 385 -15.00 -27.61 34.88
C LYS A 385 -14.53 -26.49 33.95
N ALA A 386 -14.35 -26.82 32.67
CA ALA A 386 -13.94 -25.84 31.68
C ALA A 386 -15.00 -24.76 31.58
N TRP A 387 -16.26 -25.16 31.67
CA TRP A 387 -17.34 -24.21 31.62
C TRP A 387 -17.33 -23.25 32.78
N GLU A 388 -17.03 -23.74 33.97
CA GLU A 388 -16.95 -22.85 35.13
C GLU A 388 -15.82 -21.83 34.96
N LYS A 389 -14.69 -22.30 34.46
CA LYS A 389 -13.56 -21.45 34.19
C LYS A 389 -13.91 -20.42 33.12
N MET A 390 -14.60 -20.85 32.07
CA MET A 390 -15.00 -19.96 31.00
C MET A 390 -15.92 -18.85 31.49
N LYS A 391 -16.80 -19.19 32.43
CA LYS A 391 -17.72 -18.22 32.97
C LYS A 391 -16.91 -17.13 33.63
N GLU A 392 -15.86 -17.51 34.33
CA GLU A 392 -15.01 -16.53 35.00
C GLU A 392 -14.31 -15.63 33.99
N ILE A 393 -13.79 -16.22 32.92
CA ILE A 393 -13.10 -15.44 31.93
C ILE A 393 -14.06 -14.42 31.33
N ILE A 394 -15.26 -14.87 30.99
CA ILE A 394 -16.28 -14.02 30.43
C ILE A 394 -16.71 -12.89 31.37
N GLU A 395 -16.87 -13.19 32.65
CA GLU A 395 -17.22 -12.15 33.62
C GLU A 395 -16.12 -11.12 33.78
N ALA A 396 -14.89 -11.59 33.84
CA ALA A 396 -13.73 -10.74 33.97
C ALA A 396 -13.60 -9.84 32.75
N GLN A 397 -14.05 -10.33 31.61
CA GLN A 397 -13.95 -9.63 30.33
C GLN A 397 -15.18 -8.83 29.95
N GLY A 398 -16.07 -8.58 30.91
CA GLY A 398 -17.25 -7.76 30.68
C GLY A 398 -18.47 -8.43 30.07
N GLY A 399 -18.39 -9.73 29.88
CA GLY A 399 -19.48 -10.55 29.41
C GLY A 399 -20.44 -11.00 30.48
N ASP A 400 -21.55 -11.59 30.07
CA ASP A 400 -22.52 -12.14 31.00
C ASP A 400 -22.22 -13.63 31.17
N PRO A 401 -21.89 -14.03 32.40
CA PRO A 401 -21.57 -15.42 32.72
C PRO A 401 -22.79 -16.34 32.64
N ASN A 402 -23.97 -15.73 32.68
CA ASN A 402 -25.24 -16.44 32.63
C ASN A 402 -25.77 -16.46 31.21
N ILE A 403 -24.92 -16.18 30.24
CA ILE A 403 -25.33 -16.12 28.85
C ILE A 403 -25.88 -17.48 28.43
N LYS A 404 -26.90 -17.46 27.58
CA LYS A 404 -27.46 -18.68 27.04
C LYS A 404 -27.02 -18.74 25.60
N PRO A 405 -26.23 -19.74 25.25
CA PRO A 405 -25.65 -19.82 23.91
C PRO A 405 -26.64 -19.92 22.76
N GLU A 406 -27.68 -20.73 22.92
CA GLU A 406 -28.69 -20.91 21.89
C GLU A 406 -29.46 -19.61 21.63
N GLU A 407 -29.39 -18.69 22.58
CA GLU A 407 -30.06 -17.41 22.48
C GLU A 407 -29.22 -16.32 21.80
N ILE A 408 -27.99 -16.62 21.42
CA ILE A 408 -27.17 -15.63 20.72
C ILE A 408 -27.67 -15.41 19.30
N PRO A 409 -27.86 -14.16 18.93
CA PRO A 409 -28.40 -13.82 17.61
C PRO A 409 -27.50 -14.19 16.43
N ILE A 410 -28.15 -14.68 15.37
CA ILE A 410 -27.51 -15.05 14.13
C ILE A 410 -28.24 -14.42 12.96
N GLY A 411 -27.63 -14.45 11.79
CA GLY A 411 -28.17 -13.72 10.66
C GLY A 411 -29.59 -14.08 10.31
N ASP A 412 -30.38 -13.02 10.19
CA ASP A 412 -31.80 -13.03 9.92
C ASP A 412 -32.18 -13.63 8.58
N LYS A 413 -31.39 -13.34 7.56
CA LYS A 413 -31.67 -13.82 6.21
C LYS A 413 -31.04 -15.17 6.04
N THR A 414 -31.79 -16.11 5.50
CA THR A 414 -31.24 -17.44 5.33
C THR A 414 -31.64 -18.09 4.02
N TYR A 415 -30.76 -18.94 3.53
CA TYR A 415 -31.05 -19.78 2.39
C TYR A 415 -30.33 -21.08 2.59
N THR A 416 -31.02 -22.19 2.32
CA THR A 416 -30.43 -23.50 2.50
C THR A 416 -30.25 -24.26 1.20
N PHE A 417 -29.06 -24.80 1.01
CA PHE A 417 -28.77 -25.65 -0.11
C PHE A 417 -29.08 -27.08 0.26
N THR A 418 -29.58 -27.85 -0.68
CA THR A 418 -29.93 -29.24 -0.43
C THR A 418 -29.21 -30.13 -1.43
N ALA A 419 -29.04 -31.39 -1.09
CA ALA A 419 -28.33 -32.28 -1.99
C ALA A 419 -29.10 -32.44 -3.31
N ALA A 420 -28.41 -32.22 -4.42
CA ALA A 420 -28.99 -32.42 -5.73
C ALA A 420 -29.31 -33.88 -5.97
N THR A 421 -28.37 -34.75 -5.59
CA THR A 421 -28.48 -36.17 -5.84
C THR A 421 -28.14 -36.99 -4.59
N SER A 422 -28.62 -38.21 -4.54
CA SER A 422 -28.25 -39.11 -3.46
C SER A 422 -26.80 -39.51 -3.67
N GLY A 423 -26.07 -39.69 -2.58
CA GLY A 423 -24.67 -40.03 -2.67
C GLY A 423 -23.92 -39.87 -1.36
N TYR A 424 -22.61 -39.72 -1.46
CA TYR A 424 -21.76 -39.51 -0.32
C TYR A 424 -20.89 -38.29 -0.59
N VAL A 425 -20.65 -37.48 0.43
CA VAL A 425 -19.84 -36.30 0.25
C VAL A 425 -18.39 -36.71 0.01
N THR A 426 -17.84 -36.30 -1.12
CA THR A 426 -16.47 -36.64 -1.46
C THR A 426 -15.49 -35.53 -1.11
N ALA A 427 -15.98 -34.30 -1.09
CA ALA A 427 -15.15 -33.19 -0.69
C ALA A 427 -15.92 -31.96 -0.25
N ILE A 428 -15.27 -31.15 0.57
CA ILE A 428 -15.73 -29.84 0.95
C ILE A 428 -14.58 -28.91 0.63
N ASP A 429 -14.86 -27.83 -0.07
CA ASP A 429 -13.81 -26.91 -0.45
C ASP A 429 -13.76 -25.79 0.57
N ASN A 430 -12.68 -25.73 1.32
CA ASN A 430 -12.52 -24.72 2.37
C ASN A 430 -12.48 -23.29 1.85
N ARG A 431 -11.76 -23.07 0.76
CA ARG A 431 -11.68 -21.75 0.17
C ARG A 431 -13.03 -21.24 -0.32
N ALA A 432 -13.80 -22.13 -0.94
CA ALA A 432 -15.14 -21.77 -1.38
C ALA A 432 -16.01 -21.45 -0.19
N ILE A 433 -15.91 -22.26 0.86
CA ILE A 433 -16.70 -22.03 2.05
C ILE A 433 -16.41 -20.72 2.75
N THR A 434 -15.13 -20.35 2.85
CA THR A 434 -14.75 -19.07 3.45
C THR A 434 -15.28 -17.91 2.62
N ALA A 435 -15.13 -18.02 1.31
CA ALA A 435 -15.53 -16.95 0.41
C ALA A 435 -17.02 -16.67 0.55
N ILE A 436 -17.81 -17.73 0.62
CA ILE A 436 -19.25 -17.59 0.79
C ILE A 436 -19.62 -16.94 2.13
N ALA A 437 -18.96 -17.38 3.19
CA ALA A 437 -19.22 -16.83 4.52
C ALA A 437 -18.90 -15.34 4.55
N ARG A 438 -17.79 -14.96 3.91
CA ARG A 438 -17.40 -13.56 3.79
C ARG A 438 -18.41 -12.75 2.97
N ALA A 439 -18.93 -13.34 1.90
CA ALA A 439 -19.92 -12.70 1.05
C ALA A 439 -21.17 -12.40 1.86
N ALA A 440 -21.46 -13.30 2.80
CA ALA A 440 -22.61 -13.17 3.70
C ALA A 440 -22.45 -12.01 4.68
N GLY A 441 -21.25 -11.46 4.75
CA GLY A 441 -20.92 -10.37 5.66
C GLY A 441 -20.02 -10.64 6.86
N ALA A 442 -19.48 -11.85 6.97
CA ALA A 442 -18.54 -12.17 8.03
C ALA A 442 -17.15 -11.62 7.73
N PRO A 443 -16.42 -11.17 8.74
CA PRO A 443 -16.88 -11.21 10.14
C PRO A 443 -17.47 -9.91 10.62
N GLU A 444 -17.56 -8.90 9.78
CA GLU A 444 -18.03 -7.59 10.21
C GLU A 444 -19.45 -7.72 10.71
N ASP A 445 -20.21 -8.58 10.08
CA ASP A 445 -21.53 -8.88 10.59
C ASP A 445 -21.36 -10.20 11.31
N LYS A 446 -21.49 -10.17 12.63
CA LYS A 446 -21.27 -11.33 13.48
C LYS A 446 -22.24 -12.48 13.22
N GLY A 447 -23.48 -12.12 12.93
CA GLY A 447 -24.53 -13.06 12.57
C GLY A 447 -24.29 -13.82 11.28
N ALA A 448 -23.54 -13.23 10.37
CA ALA A 448 -23.28 -13.85 9.08
C ALA A 448 -22.36 -15.06 9.09
N GLY A 449 -22.64 -16.01 8.22
CA GLY A 449 -21.83 -17.18 8.08
C GLY A 449 -22.53 -18.36 7.46
N ILE A 450 -21.96 -19.53 7.67
CA ILE A 450 -22.51 -20.77 7.17
C ILE A 450 -22.71 -21.77 8.30
N GLU A 451 -23.81 -22.50 8.24
CA GLU A 451 -24.01 -23.64 9.11
C GLU A 451 -23.93 -24.85 8.22
N LEU A 452 -23.06 -25.78 8.57
CA LEU A 452 -22.79 -26.94 7.75
C LEU A 452 -23.38 -28.19 8.38
N TYR A 453 -24.20 -28.90 7.61
CA TYR A 453 -24.83 -30.13 8.09
C TYR A 453 -24.13 -31.40 7.66
N VAL A 454 -23.19 -31.29 6.75
CA VAL A 454 -22.52 -32.48 6.25
C VAL A 454 -21.01 -32.36 6.30
N LYS A 455 -20.35 -33.51 6.38
CA LYS A 455 -18.92 -33.61 6.40
C LYS A 455 -18.51 -34.72 5.44
N VAL A 456 -17.23 -34.79 5.12
CA VAL A 456 -16.73 -35.75 4.14
C VAL A 456 -16.95 -37.20 4.54
N GLY A 457 -17.27 -38.02 3.54
CA GLY A 457 -17.47 -39.44 3.72
C GLY A 457 -18.85 -39.82 4.23
N GLU A 458 -19.68 -38.82 4.46
CA GLU A 458 -21.01 -39.02 4.99
C GLU A 458 -22.06 -39.21 3.90
N LYS A 459 -22.88 -40.25 4.05
CA LYS A 459 -23.94 -40.53 3.10
C LYS A 459 -25.09 -39.53 3.20
N VAL A 460 -25.66 -39.20 2.06
CA VAL A 460 -26.75 -38.25 2.01
C VAL A 460 -27.83 -38.67 1.02
N LYS A 461 -29.05 -38.29 1.28
CA LYS A 461 -30.17 -38.60 0.40
C LYS A 461 -30.61 -37.29 -0.23
N GLU A 462 -31.18 -37.36 -1.42
CA GLU A 462 -31.54 -36.17 -2.15
C GLU A 462 -32.53 -35.34 -1.35
N GLY A 463 -32.30 -34.04 -1.34
CA GLY A 463 -33.09 -33.11 -0.57
C GLY A 463 -32.56 -32.93 0.85
N ASP A 464 -31.51 -33.66 1.21
CA ASP A 464 -30.90 -33.49 2.51
C ASP A 464 -30.22 -32.13 2.52
N PRO A 465 -30.44 -31.33 3.56
CA PRO A 465 -29.78 -30.03 3.61
C PRO A 465 -28.28 -30.22 3.73
N LEU A 466 -27.51 -29.48 2.94
CA LEU A 466 -26.08 -29.52 3.04
C LEU A 466 -25.57 -28.37 3.91
N PHE A 467 -26.02 -27.16 3.64
CA PHE A 467 -25.70 -26.02 4.47
C PHE A 467 -26.68 -24.86 4.34
N THR A 468 -26.71 -24.03 5.38
CA THR A 468 -27.53 -22.84 5.41
C THR A 468 -26.67 -21.60 5.50
N ILE A 469 -26.98 -20.61 4.70
CA ILE A 469 -26.28 -19.35 4.71
C ILE A 469 -27.04 -18.36 5.57
N HIS A 470 -26.32 -17.63 6.40
CA HIS A 470 -26.91 -16.64 7.28
C HIS A 470 -26.36 -15.31 6.95
N ALA A 471 -27.23 -14.32 6.91
CA ALA A 471 -26.79 -12.97 6.66
C ALA A 471 -27.73 -12.00 7.34
N GLU A 472 -27.20 -10.88 7.77
CA GLU A 472 -28.02 -9.79 8.28
C GLU A 472 -28.83 -9.08 7.21
N HIS A 473 -28.23 -8.92 6.04
CA HIS A 473 -28.83 -8.18 4.95
C HIS A 473 -29.09 -9.02 3.73
N GLU A 474 -30.22 -8.78 3.10
CA GLU A 474 -30.67 -9.55 1.95
C GLU A 474 -29.69 -9.45 0.79
N ALA A 475 -29.12 -8.28 0.58
CA ALA A 475 -28.16 -8.12 -0.48
C ALA A 475 -26.95 -9.01 -0.29
N ARG A 476 -26.43 -9.05 0.94
CA ARG A 476 -25.28 -9.90 1.27
C ARG A 476 -25.61 -11.38 1.11
N LEU A 477 -26.81 -11.77 1.51
CA LEU A 477 -27.26 -13.14 1.38
C LEU A 477 -27.33 -13.55 -0.09
N ASP A 478 -27.87 -12.68 -0.92
CA ASP A 478 -27.98 -12.97 -2.35
C ASP A 478 -26.62 -13.14 -2.99
N GLN A 479 -25.67 -12.30 -2.60
CA GLN A 479 -24.32 -12.41 -3.11
C GLN A 479 -23.67 -13.73 -2.70
N ALA A 480 -23.88 -14.11 -1.45
CA ALA A 480 -23.34 -15.36 -0.95
C ALA A 480 -23.93 -16.54 -1.71
N ILE A 481 -25.24 -16.49 -1.95
CA ILE A 481 -25.92 -17.53 -2.69
C ILE A 481 -25.39 -17.64 -4.09
N VAL A 482 -25.19 -16.49 -4.73
CA VAL A 482 -24.68 -16.46 -6.08
C VAL A 482 -23.31 -17.11 -6.11
N LEU A 483 -22.48 -16.78 -5.14
CA LEU A 483 -21.15 -17.33 -5.05
C LEU A 483 -21.21 -18.83 -4.79
N ALA A 484 -22.15 -19.24 -3.94
CA ALA A 484 -22.29 -20.65 -3.62
C ALA A 484 -22.64 -21.49 -4.84
N ARG A 485 -23.51 -20.96 -5.70
CA ARG A 485 -23.89 -21.67 -6.91
C ARG A 485 -22.72 -21.89 -7.85
N ARG A 486 -21.89 -20.86 -8.04
CA ARG A 486 -20.71 -20.98 -8.89
C ARG A 486 -19.65 -21.93 -8.34
N THR A 487 -19.36 -21.77 -7.05
CA THR A 487 -18.38 -22.59 -6.33
C THR A 487 -18.68 -24.09 -6.12
N GLU A 488 -19.94 -24.42 -5.79
CA GLU A 488 -20.28 -25.79 -5.44
C GLU A 488 -19.37 -26.32 -4.36
N PRO A 489 -19.34 -25.65 -3.21
CA PRO A 489 -18.43 -26.01 -2.11
C PRO A 489 -18.56 -27.46 -1.65
N ILE A 490 -19.77 -28.00 -1.64
CA ILE A 490 -19.95 -29.38 -1.23
C ILE A 490 -20.10 -30.29 -2.43
N ARG A 491 -19.20 -31.24 -2.55
CA ARG A 491 -19.22 -32.16 -3.66
C ARG A 491 -19.71 -33.53 -3.24
N ILE A 492 -20.74 -34.01 -3.92
CA ILE A 492 -21.31 -35.33 -3.68
C ILE A 492 -21.03 -36.21 -4.86
N GLU A 493 -20.52 -37.41 -4.62
CA GLU A 493 -20.29 -38.34 -5.71
C GLU A 493 -21.58 -39.07 -6.04
N MET B 1 -27.42 1.14 4.33
CA MET B 1 -27.70 2.29 5.16
C MET B 1 -27.98 3.50 4.27
N LYS B 2 -29.04 4.21 4.60
CA LYS B 2 -29.45 5.37 3.82
C LYS B 2 -29.06 6.61 4.58
N ALA B 3 -28.49 7.56 3.85
CA ALA B 3 -27.98 8.78 4.44
C ALA B 3 -28.10 9.94 3.47
N LYS B 4 -27.82 11.13 3.94
CA LYS B 4 -27.85 12.34 3.12
C LYS B 4 -26.48 13.01 3.09
N ILE B 5 -26.10 13.45 1.90
CA ILE B 5 -24.79 14.05 1.67
C ILE B 5 -24.55 15.39 2.36
N ARG B 6 -23.40 15.47 3.01
CA ARG B 6 -22.90 16.72 3.57
C ARG B 6 -21.51 16.89 2.95
N ILE B 7 -21.30 17.99 2.25
CA ILE B 7 -20.04 18.24 1.60
C ILE B 7 -19.14 19.00 2.56
N LEU B 8 -17.96 18.45 2.81
CA LEU B 8 -17.07 19.03 3.80
C LEU B 8 -15.80 19.54 3.16
N ASP B 9 -15.31 20.64 3.68
CA ASP B 9 -14.12 21.23 3.13
C ASP B 9 -12.92 20.53 3.71
N MET B 10 -12.71 19.31 3.25
CA MET B 10 -11.57 18.52 3.66
C MET B 10 -10.94 17.89 2.43
N PHE B 11 -9.63 17.97 2.32
CA PHE B 11 -8.95 17.30 1.22
C PHE B 11 -7.83 16.44 1.77
N SER B 12 -8.04 15.13 1.75
CA SER B 12 -7.08 14.18 2.30
C SER B 12 -6.22 13.48 1.27
N GLY B 13 -6.44 13.74 -0.01
CA GLY B 13 -5.68 13.06 -1.04
C GLY B 13 -6.26 11.68 -1.31
N ARG B 14 -7.42 11.45 -0.73
CA ARG B 14 -8.14 10.20 -0.91
C ARG B 14 -9.61 10.53 -0.74
N TYR B 15 -10.48 9.63 -1.15
CA TYR B 15 -11.90 9.88 -1.02
C TYR B 15 -12.27 9.43 0.38
N THR B 16 -12.48 10.39 1.26
CA THR B 16 -12.80 10.07 2.64
C THR B 16 -14.26 10.40 2.92
N VAL B 17 -14.96 9.43 3.49
CA VAL B 17 -16.36 9.56 3.84
C VAL B 17 -16.46 9.62 5.34
N LEU B 18 -17.06 10.68 5.85
CA LEU B 18 -17.24 10.81 7.27
C LEU B 18 -18.56 10.18 7.70
N ILE B 19 -18.46 9.27 8.66
CA ILE B 19 -19.61 8.56 9.17
C ILE B 19 -19.80 8.80 10.66
N ASN B 20 -21.02 9.12 11.04
CA ASN B 20 -21.38 9.36 12.42
C ASN B 20 -21.11 8.11 13.25
N GLU B 21 -20.60 8.30 14.46
CA GLU B 21 -20.15 7.20 15.29
C GLU B 21 -21.27 6.21 15.68
N GLU B 22 -22.44 6.74 16.03
CA GLU B 22 -23.60 5.94 16.30
C GLU B 22 -24.05 5.19 15.03
N ASP B 23 -24.03 5.86 13.88
CA ASP B 23 -24.37 5.23 12.61
C ASP B 23 -23.39 4.12 12.27
N ALA B 24 -22.11 4.37 12.51
CA ALA B 24 -21.07 3.42 12.20
C ALA B 24 -21.26 2.16 13.03
N LYS B 25 -21.64 2.34 14.29
CA LYS B 25 -21.86 1.20 15.17
C LYS B 25 -22.99 0.34 14.63
N GLU B 26 -24.07 0.97 14.21
CA GLU B 26 -25.22 0.26 13.65
C GLU B 26 -24.92 -0.48 12.36
N ALA B 27 -24.14 0.16 11.49
CA ALA B 27 -23.82 -0.42 10.21
C ALA B 27 -22.59 -1.31 10.25
N LYS B 28 -22.00 -1.48 11.44
CA LYS B 28 -20.78 -2.23 11.58
C LYS B 28 -19.67 -1.62 10.75
N LEU B 29 -19.54 -0.31 10.82
CA LEU B 29 -18.54 0.40 10.04
C LEU B 29 -17.38 0.86 10.91
N HIS B 30 -16.17 0.58 10.43
CA HIS B 30 -14.95 0.87 11.13
C HIS B 30 -14.07 1.71 10.29
N PRO B 31 -13.08 2.34 10.91
CA PRO B 31 -12.19 3.25 10.18
C PRO B 31 -11.41 2.56 9.09
N ASP B 32 -11.31 3.24 7.96
CA ASP B 32 -10.60 2.77 6.80
C ASP B 32 -11.40 1.74 6.00
N ASP B 33 -12.64 1.48 6.40
CA ASP B 33 -13.49 0.57 5.68
C ASP B 33 -13.82 1.23 4.33
N LEU B 34 -13.93 0.41 3.29
CA LEU B 34 -14.32 0.90 1.98
C LEU B 34 -15.84 0.89 1.89
N VAL B 35 -16.43 2.00 1.46
CA VAL B 35 -17.88 2.06 1.30
C VAL B 35 -18.23 2.56 -0.08
N LYS B 36 -19.38 2.14 -0.59
CA LYS B 36 -19.83 2.60 -1.89
C LYS B 36 -20.98 3.54 -1.65
N ILE B 37 -20.87 4.74 -2.19
CA ILE B 37 -21.92 5.73 -2.04
C ILE B 37 -22.72 5.78 -3.33
N GLU B 38 -23.99 5.50 -3.24
CA GLU B 38 -24.84 5.42 -4.41
C GLU B 38 -26.09 6.28 -4.35
N ALA B 39 -26.40 6.92 -5.45
CA ALA B 39 -27.65 7.67 -5.59
C ALA B 39 -28.49 7.00 -6.67
N GLY B 40 -28.35 7.46 -7.89
CA GLY B 40 -29.00 6.81 -9.01
C GLY B 40 -27.89 6.24 -9.85
N LYS B 41 -27.55 6.96 -10.90
CA LYS B 41 -26.39 6.65 -11.70
C LYS B 41 -25.11 6.90 -10.90
N LYS B 42 -25.16 7.91 -10.04
CA LYS B 42 -23.99 8.33 -9.29
C LYS B 42 -23.43 7.23 -8.39
N ALA B 43 -22.14 6.99 -8.53
CA ALA B 43 -21.42 6.02 -7.71
C ALA B 43 -20.02 6.50 -7.33
N VAL B 44 -19.67 6.36 -6.06
CA VAL B 44 -18.33 6.61 -5.60
C VAL B 44 -17.90 5.67 -4.47
N TYR B 45 -16.63 5.32 -4.49
CA TYR B 45 -16.05 4.49 -3.47
C TYR B 45 -15.20 5.37 -2.59
N GLY B 46 -15.42 5.27 -1.28
CA GLY B 46 -14.75 6.11 -0.32
C GLY B 46 -14.21 5.38 0.89
N SER B 47 -13.32 6.03 1.61
CA SER B 47 -12.72 5.44 2.79
C SER B 47 -13.38 6.03 4.01
N VAL B 48 -13.94 5.16 4.84
CA VAL B 48 -14.62 5.57 6.05
C VAL B 48 -13.72 6.14 7.14
N ALA B 49 -14.15 7.25 7.70
CA ALA B 49 -13.59 7.79 8.91
C ALA B 49 -14.77 8.06 9.83
N LEU B 50 -14.70 7.60 11.06
CA LEU B 50 -15.79 7.86 11.99
C LEU B 50 -15.62 9.24 12.60
N SER B 51 -16.70 10.01 12.64
CA SER B 51 -16.65 11.35 13.20
C SER B 51 -17.96 11.83 13.81
N ASN B 52 -17.83 12.73 14.77
CA ASN B 52 -18.94 13.40 15.42
C ASN B 52 -19.21 14.74 14.75
N LEU B 53 -18.48 14.96 13.66
CA LEU B 53 -18.68 16.11 12.77
C LEU B 53 -20.01 16.08 11.99
N VAL B 54 -20.52 14.88 11.74
CA VAL B 54 -21.76 14.68 10.99
C VAL B 54 -22.83 14.01 11.85
N GLY B 55 -24.08 14.39 11.61
CA GLY B 55 -25.24 13.88 12.35
C GLY B 55 -25.70 12.50 11.92
N LYS B 56 -26.63 11.92 12.68
CA LYS B 56 -27.20 10.62 12.32
C LYS B 56 -27.93 10.73 11.00
N GLY B 57 -27.70 9.80 10.10
CA GLY B 57 -28.25 9.86 8.77
C GLY B 57 -27.43 10.73 7.82
N GLU B 58 -26.25 11.15 8.24
CA GLU B 58 -25.38 11.97 7.40
C GLU B 58 -24.04 11.33 7.10
N VAL B 59 -23.66 11.39 5.83
CA VAL B 59 -22.34 10.94 5.41
C VAL B 59 -21.59 12.18 4.90
N GLY B 60 -20.37 12.36 5.39
CA GLY B 60 -19.60 13.49 5.00
C GLY B 60 -18.63 13.10 3.91
N ILE B 61 -18.72 13.77 2.78
CA ILE B 61 -17.82 13.49 1.69
C ILE B 61 -17.00 14.72 1.39
N SER B 62 -15.72 14.51 1.11
CA SER B 62 -14.83 15.60 0.74
C SER B 62 -15.27 16.22 -0.58
N ARG B 63 -15.08 17.53 -0.70
CA ARG B 63 -15.51 18.30 -1.86
C ARG B 63 -14.77 17.80 -3.09
N ASP B 64 -13.72 17.04 -2.83
CA ASP B 64 -12.89 16.42 -3.83
C ASP B 64 -13.67 15.44 -4.69
N VAL B 65 -14.63 14.74 -4.08
CA VAL B 65 -15.44 13.74 -4.74
C VAL B 65 -16.24 14.34 -5.89
N LEU B 66 -16.61 15.60 -5.71
CA LEU B 66 -17.46 16.34 -6.64
C LEU B 66 -16.86 16.56 -8.02
N ASP B 67 -15.55 16.46 -8.14
CA ASP B 67 -14.91 16.72 -9.41
C ASP B 67 -15.35 15.76 -10.49
N LEU B 68 -15.37 14.47 -10.19
CA LEU B 68 -15.82 13.47 -11.16
C LEU B 68 -17.19 12.90 -10.85
N HIS B 69 -17.76 13.27 -9.72
CA HIS B 69 -19.07 12.78 -9.36
C HIS B 69 -19.99 13.90 -8.99
N ASN B 70 -21.17 13.93 -9.59
CA ASN B 70 -22.10 15.02 -9.39
C ASN B 70 -23.04 14.88 -8.18
N PHE B 71 -22.49 14.80 -6.98
CA PHE B 71 -23.33 14.77 -5.80
C PHE B 71 -23.75 16.17 -5.42
N SER B 72 -24.86 16.29 -4.70
CA SER B 72 -25.31 17.59 -4.26
C SER B 72 -25.64 17.55 -2.76
N GLU B 73 -25.59 18.70 -2.11
CA GLU B 73 -25.85 18.75 -0.69
C GLU B 73 -27.27 18.32 -0.37
N GLY B 74 -27.38 17.43 0.61
CA GLY B 74 -28.65 16.94 1.09
C GLY B 74 -29.25 15.82 0.25
N GLU B 75 -28.52 15.34 -0.75
CA GLU B 75 -29.04 14.30 -1.60
C GLU B 75 -29.11 12.95 -0.90
N THR B 76 -30.23 12.25 -1.04
CA THR B 76 -30.34 10.95 -0.42
C THR B 76 -29.40 9.98 -1.10
N VAL B 77 -28.63 9.27 -0.30
CA VAL B 77 -27.64 8.35 -0.81
C VAL B 77 -27.67 7.03 -0.06
N SER B 78 -27.17 6.00 -0.68
CA SER B 78 -27.09 4.70 -0.06
C SER B 78 -25.63 4.47 0.31
N VAL B 79 -25.38 4.12 1.56
CA VAL B 79 -24.03 3.83 1.99
C VAL B 79 -23.95 2.36 2.35
N ILE B 80 -23.22 1.61 1.55
CA ILE B 80 -23.06 0.19 1.76
C ILE B 80 -21.59 -0.21 1.86
N PRO B 81 -21.29 -1.10 2.78
CA PRO B 81 -19.92 -1.59 2.91
C PRO B 81 -19.55 -2.38 1.68
N ALA B 82 -18.37 -2.10 1.14
CA ALA B 82 -17.92 -2.77 -0.05
C ALA B 82 -17.05 -3.94 0.31
N GLY B 83 -17.29 -5.07 -0.34
CA GLY B 83 -16.50 -6.25 -0.10
C GLY B 83 -15.13 -6.07 -0.70
N THR B 84 -14.20 -6.93 -0.32
CA THR B 84 -12.87 -6.83 -0.87
C THR B 84 -13.06 -7.00 -2.36
N PRO B 85 -12.42 -6.14 -3.15
CA PRO B 85 -12.58 -6.18 -4.59
C PRO B 85 -12.07 -7.47 -5.18
N GLU B 86 -12.74 -7.94 -6.22
CA GLU B 86 -12.42 -9.20 -6.88
C GLU B 86 -11.02 -9.19 -7.49
N SER B 87 -10.59 -8.02 -7.94
CA SER B 87 -9.29 -7.84 -8.60
C SER B 87 -8.11 -8.12 -7.69
N VAL B 88 -8.35 -8.08 -6.39
CA VAL B 88 -7.31 -8.33 -5.41
C VAL B 88 -6.79 -9.74 -5.63
N ARG B 89 -7.68 -10.64 -6.04
CA ARG B 89 -7.30 -12.01 -6.32
C ARG B 89 -6.30 -12.07 -7.46
N TYR B 90 -6.54 -11.24 -8.48
CA TYR B 90 -5.65 -11.14 -9.63
C TYR B 90 -4.31 -10.56 -9.23
N ILE B 91 -4.32 -9.59 -8.34
CA ILE B 91 -3.09 -8.99 -7.84
C ILE B 91 -2.33 -10.10 -7.14
N LYS B 92 -3.06 -10.90 -6.38
CA LYS B 92 -2.49 -12.04 -5.69
C LYS B 92 -1.92 -13.06 -6.66
N LYS B 93 -2.61 -13.27 -7.77
CA LYS B 93 -2.15 -14.20 -8.80
C LYS B 93 -0.81 -13.71 -9.36
N LYS B 94 -0.69 -12.40 -9.51
CA LYS B 94 0.56 -11.78 -9.97
C LYS B 94 1.71 -11.99 -8.97
N MET B 95 1.42 -11.93 -7.68
CA MET B 95 2.38 -12.16 -6.60
C MET B 95 2.93 -13.56 -6.69
N HIS B 96 2.10 -14.47 -7.16
CA HIS B 96 2.45 -15.87 -7.27
C HIS B 96 3.16 -16.14 -8.55
N GLY B 97 3.46 -15.08 -9.30
CA GLY B 97 4.19 -15.22 -10.53
C GLY B 97 3.43 -15.71 -11.73
N GLU B 98 2.11 -15.61 -11.68
CA GLU B 98 1.26 -16.00 -12.79
C GLU B 98 1.09 -14.93 -13.86
N LYS B 99 0.78 -15.35 -15.08
CA LYS B 99 0.48 -14.42 -16.15
C LYS B 99 -0.98 -14.00 -16.06
N LEU B 100 -1.23 -12.71 -16.13
CA LEU B 100 -2.59 -12.18 -16.03
C LEU B 100 -3.32 -12.17 -17.36
N ARG B 101 -4.55 -12.65 -17.33
CA ARG B 101 -5.41 -12.65 -18.51
C ARG B 101 -5.87 -11.23 -18.74
N LYS B 102 -6.36 -10.99 -19.95
CA LYS B 102 -6.77 -9.65 -20.33
C LYS B 102 -7.90 -9.16 -19.45
N VAL B 103 -8.86 -10.03 -19.16
CA VAL B 103 -9.95 -9.67 -18.28
C VAL B 103 -9.46 -9.34 -16.88
N GLU B 104 -8.49 -10.10 -16.41
CA GLU B 104 -7.94 -9.86 -15.08
C GLU B 104 -7.27 -8.48 -15.01
N ILE B 105 -6.50 -8.17 -16.03
CA ILE B 105 -5.85 -6.87 -16.13
C ILE B 105 -6.86 -5.74 -16.24
N GLU B 106 -7.89 -5.95 -17.04
CA GLU B 106 -8.93 -4.94 -17.25
C GLU B 106 -9.63 -4.64 -15.94
N ALA B 107 -9.93 -5.69 -15.19
CA ALA B 107 -10.58 -5.58 -13.89
C ALA B 107 -9.73 -4.81 -12.90
N ILE B 108 -8.42 -5.03 -12.92
CA ILE B 108 -7.54 -4.28 -12.03
C ILE B 108 -7.61 -2.80 -12.37
N VAL B 109 -7.52 -2.45 -13.64
CA VAL B 109 -7.60 -1.06 -14.08
C VAL B 109 -8.93 -0.39 -13.78
N ARG B 110 -10.03 -1.11 -13.96
CA ARG B 110 -11.34 -0.55 -13.66
C ARG B 110 -11.37 -0.22 -12.19
N ASP B 111 -10.87 -1.15 -11.40
CA ASP B 111 -10.84 -0.98 -9.95
C ASP B 111 -9.97 0.18 -9.48
N ILE B 112 -8.83 0.40 -10.14
CA ILE B 112 -7.98 1.54 -9.80
C ILE B 112 -8.67 2.88 -10.08
N VAL B 113 -9.23 3.03 -11.27
CA VAL B 113 -9.92 4.26 -11.66
C VAL B 113 -11.14 4.51 -10.77
N ASP B 114 -11.81 3.44 -10.40
CA ASP B 114 -12.98 3.51 -9.52
C ASP B 114 -12.61 3.86 -8.08
N ARG B 115 -11.34 3.75 -7.74
CA ARG B 115 -10.89 4.06 -6.40
C ARG B 115 -11.33 2.94 -5.47
N LYS B 116 -11.76 1.85 -6.09
CA LYS B 116 -12.12 0.63 -5.40
C LYS B 116 -10.88 0.05 -4.74
N LEU B 117 -9.78 0.05 -5.47
CA LEU B 117 -8.49 -0.37 -4.95
C LEU B 117 -7.79 0.86 -4.42
N ARG B 118 -7.32 0.79 -3.19
CA ARG B 118 -6.65 1.92 -2.57
C ARG B 118 -5.13 1.78 -2.49
N ASP B 119 -4.53 2.54 -1.61
CA ASP B 119 -3.09 2.60 -1.53
C ASP B 119 -2.49 1.23 -1.24
N ILE B 120 -3.07 0.47 -0.33
CA ILE B 120 -2.48 -0.82 -0.07
C ILE B 120 -2.49 -1.72 -1.29
N GLU B 121 -3.64 -1.87 -1.92
CA GLU B 121 -3.72 -2.75 -3.08
C GLU B 121 -2.87 -2.29 -4.25
N ILE B 122 -2.89 -1.00 -4.52
CA ILE B 122 -2.10 -0.43 -5.59
C ILE B 122 -0.61 -0.58 -5.32
N SER B 123 -0.20 -0.31 -4.09
CA SER B 123 1.20 -0.47 -3.76
C SER B 123 1.56 -1.92 -3.95
N SER B 124 0.67 -2.81 -3.53
CA SER B 124 0.94 -4.23 -3.69
C SER B 124 1.05 -4.61 -5.17
N PHE B 125 0.18 -4.04 -6.00
CA PHE B 125 0.26 -4.30 -7.43
C PHE B 125 1.56 -3.78 -8.06
N VAL B 126 1.96 -2.56 -7.72
CA VAL B 126 3.21 -2.00 -8.25
C VAL B 126 4.42 -2.79 -7.80
N THR B 127 4.45 -3.16 -6.53
CA THR B 127 5.54 -3.97 -5.98
C THR B 127 5.59 -5.33 -6.63
N ALA B 128 4.43 -5.95 -6.82
CA ALA B 128 4.37 -7.25 -7.44
C ALA B 128 4.88 -7.18 -8.88
N LEU B 129 4.53 -6.11 -9.59
CA LEU B 129 5.01 -5.89 -10.94
C LEU B 129 6.53 -5.71 -10.93
N GLU B 130 7.03 -4.96 -9.96
CA GLU B 130 8.46 -4.71 -9.86
C GLU B 130 9.24 -6.00 -9.67
N ILE B 131 8.84 -6.83 -8.73
CA ILE B 131 9.45 -8.15 -8.57
C ILE B 131 9.19 -9.18 -9.67
N ASN B 132 7.94 -9.34 -10.08
CA ASN B 132 7.58 -10.38 -11.05
C ASN B 132 7.43 -10.01 -12.52
N GLY B 133 7.21 -8.75 -12.82
CA GLY B 133 7.18 -8.30 -14.20
C GLY B 133 5.93 -8.59 -15.02
N LEU B 134 6.01 -8.22 -16.28
CA LEU B 134 4.94 -8.47 -17.24
C LEU B 134 5.54 -8.87 -18.57
N ASP B 135 4.87 -9.78 -19.26
CA ASP B 135 5.24 -10.10 -20.63
C ASP B 135 4.52 -9.14 -21.61
N MET B 136 4.85 -9.24 -22.89
CA MET B 136 4.33 -8.33 -23.90
C MET B 136 2.82 -8.37 -24.03
N ASP B 137 2.23 -9.55 -23.92
CA ASP B 137 0.78 -9.66 -24.00
C ASP B 137 0.13 -8.88 -22.87
N GLU B 138 0.64 -9.06 -21.66
CA GLU B 138 0.11 -8.36 -20.50
C GLU B 138 0.29 -6.85 -20.59
N ILE B 139 1.48 -6.43 -21.00
CA ILE B 139 1.76 -5.01 -21.11
C ILE B 139 0.83 -4.37 -22.13
N ALA B 140 0.67 -5.02 -23.26
CA ALA B 140 -0.20 -4.52 -24.31
C ALA B 140 -1.62 -4.45 -23.77
N ALA B 141 -2.03 -5.47 -23.03
CA ALA B 141 -3.33 -5.48 -22.39
C ALA B 141 -3.43 -4.36 -21.36
N LEU B 142 -2.37 -4.15 -20.61
CA LEU B 142 -2.38 -3.07 -19.64
C LEU B 142 -2.48 -1.70 -20.29
N THR B 143 -1.72 -1.50 -21.35
CA THR B 143 -1.70 -0.19 -22.01
C THR B 143 -3.06 0.21 -22.60
N ILE B 144 -3.68 -0.70 -23.33
CA ILE B 144 -4.97 -0.42 -23.95
C ILE B 144 -6.05 -0.12 -22.92
N ALA B 145 -6.05 -0.90 -21.84
CA ALA B 145 -7.02 -0.70 -20.77
C ALA B 145 -6.86 0.64 -20.08
N MET B 146 -5.62 1.04 -19.83
CA MET B 146 -5.38 2.34 -19.22
C MET B 146 -5.82 3.47 -20.13
N ALA B 147 -5.51 3.36 -21.42
CA ALA B 147 -5.93 4.37 -22.38
C ALA B 147 -7.44 4.43 -22.50
N GLU B 148 -8.05 3.26 -22.60
CA GLU B 148 -9.50 3.11 -22.75
C GLU B 148 -10.26 3.65 -21.55
N THR B 149 -9.60 3.63 -20.40
CA THR B 149 -10.17 4.06 -19.13
C THR B 149 -10.48 5.55 -19.08
N GLY B 150 -9.84 6.31 -19.94
CA GLY B 150 -9.98 7.75 -19.93
C GLY B 150 -10.46 8.35 -21.22
N ASP B 151 -10.45 9.68 -21.28
CA ASP B 151 -10.84 10.43 -22.46
C ASP B 151 -9.76 10.43 -23.53
N MET B 152 -10.13 10.83 -24.73
CA MET B 152 -9.18 10.92 -25.81
C MET B 152 -9.10 12.34 -26.34
N LEU B 153 -7.91 12.89 -26.39
CA LEU B 153 -7.73 14.25 -26.89
C LEU B 153 -8.00 14.29 -28.38
N ASP B 154 -8.80 15.24 -28.81
CA ASP B 154 -9.07 15.43 -30.22
C ASP B 154 -8.43 16.72 -30.65
N ILE B 155 -7.42 16.60 -31.50
CA ILE B 155 -6.71 17.75 -32.02
C ILE B 155 -6.88 17.73 -33.53
N ASP B 156 -7.32 18.85 -34.10
CA ASP B 156 -7.60 18.89 -35.54
C ASP B 156 -6.35 19.14 -36.35
N ARG B 157 -5.32 18.36 -36.09
CA ARG B 157 -4.06 18.43 -36.81
C ARG B 157 -3.51 17.03 -36.93
N LYS B 158 -2.74 16.78 -37.98
CA LYS B 158 -2.08 15.51 -38.13
C LYS B 158 -0.92 15.76 -39.07
N PRO B 159 0.13 14.94 -39.01
CA PRO B 159 0.30 13.91 -37.98
C PRO B 159 0.70 14.49 -36.63
N ILE B 160 0.38 13.78 -35.56
CA ILE B 160 0.72 14.21 -34.23
C ILE B 160 2.07 13.62 -33.82
N MET B 161 3.00 14.47 -33.46
CA MET B 161 4.32 14.03 -33.02
C MET B 161 4.39 14.05 -31.50
N ASP B 162 5.16 13.13 -30.94
CA ASP B 162 5.41 13.13 -29.50
C ASP B 162 6.82 12.64 -29.17
N VAL B 163 7.33 13.09 -28.04
CA VAL B 163 8.62 12.63 -27.53
C VAL B 163 8.50 12.28 -26.04
N HIS B 164 9.11 11.17 -25.64
CA HIS B 164 9.13 10.80 -24.25
C HIS B 164 10.42 10.14 -23.86
N SER B 165 10.90 10.44 -22.66
CA SER B 165 12.09 9.83 -22.10
C SER B 165 11.73 8.94 -20.93
N ILE B 166 12.40 7.80 -20.83
CA ILE B 166 12.21 6.92 -19.68
C ILE B 166 12.87 7.51 -18.43
N GLY B 167 13.62 8.58 -18.62
CA GLY B 167 14.37 9.24 -17.56
C GLY B 167 15.47 8.45 -16.88
N GLY B 168 15.54 8.54 -15.57
CA GLY B 168 16.60 7.94 -14.80
C GLY B 168 17.86 8.80 -14.75
N VAL B 169 18.40 9.22 -15.89
CA VAL B 169 19.56 10.11 -15.92
C VAL B 169 19.20 11.45 -15.29
N PRO B 170 20.04 11.92 -14.39
CA PRO B 170 19.79 13.19 -13.72
C PRO B 170 19.97 14.37 -14.67
N GLY B 171 19.27 15.45 -14.37
CA GLY B 171 19.27 16.65 -15.18
C GLY B 171 18.80 16.52 -16.61
N ASN B 172 17.83 15.66 -16.87
CA ASN B 172 17.28 15.48 -18.22
C ASN B 172 16.17 16.47 -18.56
N LYS B 173 16.53 17.73 -18.75
CA LYS B 173 15.58 18.77 -19.06
C LYS B 173 15.47 18.90 -20.58
N THR B 174 16.02 17.90 -21.25
CA THR B 174 16.29 17.87 -22.68
C THR B 174 15.08 18.06 -23.59
N ASN B 175 13.98 17.41 -23.26
CA ASN B 175 12.77 17.48 -24.04
C ASN B 175 12.13 18.84 -23.95
N ILE B 176 12.55 19.62 -22.96
CA ILE B 176 12.11 20.98 -22.82
C ILE B 176 12.59 21.78 -24.03
N LEU B 177 13.82 21.51 -24.46
CA LEU B 177 14.34 22.02 -25.71
C LEU B 177 13.68 21.42 -26.96
N VAL B 178 13.49 20.10 -26.93
CA VAL B 178 13.02 19.38 -28.10
C VAL B 178 11.64 19.83 -28.58
N VAL B 179 10.71 20.03 -27.67
CA VAL B 179 9.36 20.41 -28.04
C VAL B 179 9.23 21.75 -28.76
N PRO B 180 9.84 22.80 -28.23
CA PRO B 180 9.80 24.11 -28.89
C PRO B 180 10.49 24.06 -30.25
N ILE B 181 11.57 23.31 -30.36
CA ILE B 181 12.26 23.15 -31.63
C ILE B 181 11.41 22.46 -32.73
N VAL B 182 10.77 21.33 -32.39
CA VAL B 182 9.92 20.61 -33.32
C VAL B 182 8.70 21.45 -33.71
N ALA B 183 8.10 22.11 -32.73
CA ALA B 183 6.97 22.99 -32.94
C ALA B 183 7.33 24.20 -33.81
N ALA B 184 8.55 24.70 -33.66
CA ALA B 184 9.05 25.84 -34.40
C ALA B 184 9.08 25.49 -35.88
N ALA B 185 9.27 24.22 -36.16
CA ALA B 185 9.34 23.70 -37.51
C ALA B 185 7.93 23.54 -38.07
N GLY B 186 6.94 23.97 -37.31
CA GLY B 186 5.55 23.87 -37.68
C GLY B 186 4.88 22.53 -37.40
N LEU B 187 5.61 21.58 -36.82
CA LEU B 187 5.06 20.29 -36.43
C LEU B 187 4.17 20.38 -35.20
N THR B 188 3.24 19.44 -35.06
CA THR B 188 2.34 19.43 -33.91
C THR B 188 2.87 18.46 -32.86
N ILE B 189 3.23 19.00 -31.71
CA ILE B 189 3.80 18.19 -30.64
C ILE B 189 3.24 18.47 -29.24
N PRO B 190 2.16 17.80 -28.88
CA PRO B 190 1.51 18.01 -27.57
C PRO B 190 2.09 17.12 -26.47
N LYS B 191 3.19 17.54 -25.88
CA LYS B 191 3.87 16.77 -24.85
C LYS B 191 3.27 16.75 -23.45
N THR B 192 3.24 15.55 -22.87
CA THR B 192 2.87 15.34 -21.49
C THR B 192 4.07 14.77 -20.74
N SER B 193 4.21 15.16 -19.48
CA SER B 193 5.31 14.70 -18.64
C SER B 193 4.86 14.39 -17.21
N SER B 194 5.44 13.36 -16.61
CA SER B 194 5.21 13.06 -15.21
C SER B 194 6.14 13.88 -14.34
N ARG B 195 5.84 13.93 -13.05
CA ARG B 195 6.71 14.54 -12.08
C ARG B 195 7.78 13.51 -11.75
N ALA B 196 8.67 13.83 -10.81
CA ALA B 196 9.77 12.92 -10.49
C ALA B 196 9.29 11.56 -9.97
N ILE B 197 9.94 10.51 -10.45
CA ILE B 197 9.68 9.16 -9.99
C ILE B 197 10.91 8.67 -9.26
N THR B 198 11.95 8.32 -10.00
CA THR B 198 13.23 7.97 -9.40
C THR B 198 14.21 9.16 -9.32
N SER B 199 13.92 10.22 -10.06
CA SER B 199 14.81 11.37 -10.15
C SER B 199 14.62 12.48 -9.12
N ALA B 200 15.51 13.46 -9.17
CA ALA B 200 15.38 14.73 -8.47
C ALA B 200 14.28 15.62 -9.04
N ALA B 201 14.10 15.57 -10.35
CA ALA B 201 13.07 16.35 -11.00
C ALA B 201 12.46 15.71 -12.25
N GLY B 202 11.14 15.58 -12.25
CA GLY B 202 10.42 15.21 -13.43
C GLY B 202 10.39 16.43 -14.35
N THR B 203 10.14 16.21 -15.63
CA THR B 203 10.06 17.31 -16.57
C THR B 203 8.95 18.25 -16.15
N ALA B 204 7.88 17.69 -15.61
CA ALA B 204 6.75 18.48 -15.16
C ALA B 204 7.17 19.41 -14.05
N ASP B 205 8.03 18.92 -13.16
CA ASP B 205 8.55 19.71 -12.06
C ASP B 205 9.37 20.88 -12.59
N VAL B 206 10.21 20.62 -13.59
CA VAL B 206 11.02 21.66 -14.19
C VAL B 206 10.19 22.74 -14.92
N VAL B 207 9.23 22.31 -15.72
CA VAL B 207 8.35 23.21 -16.47
C VAL B 207 7.53 24.08 -15.55
N GLU B 208 7.14 23.52 -14.42
CA GLU B 208 6.30 24.21 -13.45
C GLU B 208 6.99 25.44 -12.88
N VAL B 209 8.31 25.47 -12.95
CA VAL B 209 9.05 26.59 -12.44
C VAL B 209 8.66 27.85 -13.20
N PHE B 210 8.60 27.76 -14.52
CA PHE B 210 8.25 28.92 -15.34
C PHE B 210 6.83 28.99 -15.91
N ALA B 211 6.06 27.91 -15.84
CA ALA B 211 4.70 27.90 -16.36
C ALA B 211 3.77 26.92 -15.64
N ASP B 212 2.47 27.15 -15.74
CA ASP B 212 1.47 26.23 -15.19
C ASP B 212 1.51 24.93 -15.98
N VAL B 213 1.37 23.81 -15.29
CA VAL B 213 1.39 22.52 -15.95
C VAL B 213 0.11 21.70 -15.87
N SER B 214 -0.88 22.18 -15.14
CA SER B 214 -2.11 21.42 -14.97
C SER B 214 -3.22 22.02 -15.78
N PHE B 215 -3.75 21.24 -16.70
CA PHE B 215 -4.79 21.74 -17.56
C PHE B 215 -5.89 20.73 -17.82
N SER B 216 -7.05 21.27 -18.17
CA SER B 216 -8.17 20.46 -18.61
C SER B 216 -7.85 20.01 -20.03
N LEU B 217 -8.53 18.99 -20.51
CA LEU B 217 -8.35 18.52 -21.88
C LEU B 217 -8.74 19.60 -22.87
N ASP B 218 -9.76 20.36 -22.51
CA ASP B 218 -10.23 21.45 -23.36
C ASP B 218 -9.15 22.49 -23.52
N GLU B 219 -8.49 22.81 -22.42
CA GLU B 219 -7.37 23.75 -22.43
C GLU B 219 -6.21 23.23 -23.25
N ILE B 220 -5.92 21.94 -23.16
CA ILE B 220 -4.82 21.38 -23.91
C ILE B 220 -5.11 21.54 -25.38
N LYS B 221 -6.34 21.24 -25.77
CA LYS B 221 -6.73 21.34 -27.16
C LYS B 221 -6.62 22.79 -27.62
N ARG B 222 -7.05 23.74 -26.81
CA ARG B 222 -6.94 25.14 -27.19
C ARG B 222 -5.49 25.58 -27.38
N ILE B 223 -4.61 25.24 -26.44
CA ILE B 223 -3.21 25.58 -26.57
C ILE B 223 -2.52 24.93 -27.74
N VAL B 224 -2.68 23.62 -27.88
CA VAL B 224 -2.02 22.91 -28.95
C VAL B 224 -2.51 23.38 -30.32
N GLU B 225 -3.80 23.62 -30.45
CA GLU B 225 -4.30 24.09 -31.74
C GLU B 225 -3.76 25.48 -32.08
N LYS B 226 -3.79 26.40 -31.13
CA LYS B 226 -3.23 27.71 -31.36
C LYS B 226 -1.72 27.75 -31.52
N VAL B 227 -1.01 27.18 -30.54
CA VAL B 227 0.44 27.18 -30.47
C VAL B 227 1.17 26.03 -31.18
N GLY B 228 0.50 24.91 -31.33
CA GLY B 228 1.07 23.73 -31.97
C GLY B 228 1.83 22.79 -31.05
N ALA B 229 1.93 23.15 -29.78
CA ALA B 229 2.65 22.35 -28.81
C ALA B 229 2.22 22.67 -27.40
N CYS B 230 2.64 21.83 -26.48
CA CYS B 230 2.45 22.10 -25.07
C CYS B 230 3.46 21.30 -24.25
N LEU B 231 3.74 21.76 -23.05
CA LEU B 231 4.59 21.03 -22.12
C LEU B 231 3.80 20.94 -20.82
N VAL B 232 3.11 19.85 -20.63
CA VAL B 232 2.18 19.72 -19.52
C VAL B 232 2.31 18.47 -18.65
N TRP B 233 1.69 18.53 -17.49
CA TRP B 233 1.66 17.42 -16.60
C TRP B 233 0.59 16.47 -17.01
N GLY B 234 0.99 15.23 -17.26
CA GLY B 234 0.10 14.14 -17.61
C GLY B 234 -0.92 13.78 -16.54
N GLY B 235 -0.54 13.93 -15.29
CA GLY B 235 -1.36 13.58 -14.15
C GLY B 235 -2.66 14.34 -14.01
N ALA B 236 -2.63 15.61 -14.37
CA ALA B 236 -3.75 16.51 -14.18
C ALA B 236 -4.97 16.27 -15.04
N LEU B 237 -4.88 15.43 -16.05
CA LEU B 237 -6.01 15.27 -16.94
C LEU B 237 -6.46 13.83 -17.12
N ASN B 238 -7.69 13.66 -17.54
CA ASN B 238 -8.29 12.35 -17.64
C ASN B 238 -7.94 11.60 -18.89
N LEU B 239 -6.64 11.40 -19.08
CA LEU B 239 -6.15 10.56 -20.15
C LEU B 239 -5.40 9.47 -19.42
N ALA B 240 -5.79 8.22 -19.62
CA ALA B 240 -5.11 7.13 -18.92
C ALA B 240 -5.03 7.46 -17.44
N PRO B 241 -6.19 7.68 -16.83
CA PRO B 241 -6.34 8.11 -15.44
C PRO B 241 -5.74 7.13 -14.42
N ALA B 242 -5.72 5.86 -14.79
CA ALA B 242 -5.15 4.83 -13.94
C ALA B 242 -3.68 5.09 -13.72
N ASP B 243 -3.02 5.61 -14.73
CA ASP B 243 -1.59 5.85 -14.65
C ASP B 243 -1.23 6.84 -13.55
N ASP B 244 -2.04 7.88 -13.42
CA ASP B 244 -1.78 8.89 -12.42
C ASP B 244 -1.84 8.32 -11.00
N ILE B 245 -2.81 7.45 -10.74
CA ILE B 245 -2.94 6.81 -9.44
C ILE B 245 -1.78 5.87 -9.08
N THR B 246 -1.34 5.05 -10.03
CA THR B 246 -0.21 4.15 -9.80
C THR B 246 1.15 4.84 -9.53
N ILE B 247 1.37 5.98 -10.19
CA ILE B 247 2.62 6.73 -10.10
C ILE B 247 2.90 7.23 -8.68
N LYS B 248 1.84 7.46 -7.92
CA LYS B 248 2.03 7.91 -6.54
C LYS B 248 2.78 6.88 -5.73
N ALA B 249 2.40 5.62 -5.87
CA ALA B 249 3.07 4.52 -5.21
C ALA B 249 4.48 4.40 -5.76
N GLU B 250 4.61 4.57 -7.06
CA GLU B 250 5.91 4.50 -7.69
C GLU B 250 6.84 5.59 -7.19
N ARG B 251 6.32 6.79 -7.03
CA ARG B 251 7.11 7.88 -6.49
C ARG B 251 7.53 7.61 -5.05
N ALA B 252 6.62 7.11 -4.23
CA ALA B 252 6.89 6.81 -2.82
C ALA B 252 7.94 5.74 -2.65
N LEU B 253 7.91 4.73 -3.51
CA LEU B 253 8.87 3.65 -3.45
C LEU B 253 10.12 3.85 -4.31
N SER B 254 10.13 4.89 -5.13
CA SER B 254 11.23 5.16 -6.04
C SER B 254 11.54 4.01 -6.98
N ILE B 255 10.50 3.49 -7.59
CA ILE B 255 10.62 2.43 -8.57
C ILE B 255 9.76 2.77 -9.78
N ASP B 256 10.21 2.31 -10.94
CA ASP B 256 9.51 2.51 -12.19
C ASP B 256 9.50 1.15 -12.88
N PRO B 257 8.61 0.26 -12.48
CA PRO B 257 8.64 -1.07 -13.06
C PRO B 257 8.45 -0.97 -14.58
N THR B 258 9.23 -1.73 -15.33
CA THR B 258 9.36 -1.61 -16.76
C THR B 258 8.07 -1.83 -17.58
N GLY B 259 7.33 -2.89 -17.28
CA GLY B 259 6.07 -3.14 -17.96
C GLY B 259 5.09 -2.02 -17.66
N LEU B 260 5.06 -1.58 -16.41
CA LEU B 260 4.21 -0.47 -16.01
C LEU B 260 4.63 0.82 -16.71
N MET B 261 5.94 1.00 -16.86
CA MET B 261 6.48 2.19 -17.49
C MET B 261 6.08 2.29 -18.95
N LEU B 262 6.18 1.16 -19.66
CA LEU B 262 5.81 1.10 -21.05
C LEU B 262 4.33 1.39 -21.21
N ALA B 263 3.51 0.74 -20.39
CA ALA B 263 2.07 0.95 -20.45
C ALA B 263 1.73 2.38 -20.12
N SER B 264 2.41 2.95 -19.13
CA SER B 264 2.13 4.32 -18.74
C SER B 264 2.46 5.38 -19.81
N ILE B 265 3.65 5.32 -20.38
CA ILE B 265 4.02 6.27 -21.41
C ILE B 265 3.17 6.11 -22.69
N MET B 266 3.08 4.89 -23.18
CA MET B 266 2.34 4.58 -24.39
C MET B 266 0.83 4.82 -24.33
N SER B 267 0.21 4.55 -23.17
CA SER B 267 -1.21 4.78 -23.01
C SER B 267 -1.53 6.27 -23.12
N LYS B 268 -0.69 7.10 -22.53
CA LYS B 268 -0.82 8.53 -22.65
C LYS B 268 -0.60 9.02 -24.08
N LYS B 269 0.37 8.46 -24.78
CA LYS B 269 0.62 8.83 -26.16
C LYS B 269 -0.62 8.50 -26.99
N TYR B 270 -1.15 7.30 -26.78
CA TYR B 270 -2.34 6.86 -27.49
C TYR B 270 -3.56 7.70 -27.15
N ALA B 271 -3.73 8.03 -25.89
CA ALA B 271 -4.83 8.87 -25.47
C ALA B 271 -4.72 10.25 -26.11
N MET B 272 -3.50 10.78 -26.15
CA MET B 272 -3.24 12.08 -26.75
C MET B 272 -3.53 12.09 -28.25
N GLY B 273 -3.46 10.93 -28.88
CA GLY B 273 -3.63 10.83 -30.30
C GLY B 273 -2.35 10.84 -31.12
N SER B 274 -1.21 10.71 -30.44
CA SER B 274 0.08 10.74 -31.10
C SER B 274 0.26 9.62 -32.11
N GLN B 275 0.68 9.99 -33.31
CA GLN B 275 0.95 9.03 -34.36
C GLN B 275 2.42 8.69 -34.47
N TYR B 276 3.28 9.68 -34.33
CA TYR B 276 4.69 9.44 -34.41
C TYR B 276 5.30 9.71 -33.05
N VAL B 277 5.96 8.72 -32.49
CA VAL B 277 6.51 8.84 -31.16
C VAL B 277 8.00 8.55 -31.12
N LEU B 278 8.74 9.45 -30.51
CA LEU B 278 10.15 9.25 -30.29
C LEU B 278 10.39 8.98 -28.82
N ILE B 279 11.02 7.86 -28.55
CA ILE B 279 11.34 7.47 -27.20
C ILE B 279 12.84 7.55 -26.98
N ASP B 280 13.23 8.23 -25.91
CA ASP B 280 14.62 8.34 -25.53
C ASP B 280 14.94 7.41 -24.36
N ILE B 281 15.96 6.59 -24.55
CA ILE B 281 16.39 5.66 -23.53
C ILE B 281 17.82 5.96 -23.08
N PRO B 282 17.98 6.71 -21.98
CA PRO B 282 19.34 6.94 -21.48
C PRO B 282 19.95 5.62 -21.03
N THR B 283 21.13 5.31 -21.56
CA THR B 283 21.78 4.05 -21.30
C THR B 283 23.16 4.21 -20.66
N GLY B 284 23.39 3.49 -19.57
CA GLY B 284 24.67 3.54 -18.88
C GLY B 284 24.63 3.17 -17.41
N LYS B 285 25.73 3.44 -16.73
CA LYS B 285 25.83 3.19 -15.31
C LYS B 285 24.90 4.11 -14.52
N GLY B 286 24.28 3.57 -13.48
CA GLY B 286 23.43 4.37 -12.63
C GLY B 286 22.06 4.73 -13.16
N VAL B 287 21.63 4.07 -14.23
CA VAL B 287 20.33 4.33 -14.81
C VAL B 287 19.58 3.03 -15.05
N LYS B 288 18.33 3.16 -15.46
CA LYS B 288 17.44 2.02 -15.59
C LYS B 288 17.97 1.00 -16.59
N VAL B 289 18.59 1.44 -17.68
CA VAL B 289 19.19 0.50 -18.60
C VAL B 289 20.71 0.62 -18.57
N GLU B 290 21.38 -0.39 -18.03
CA GLU B 290 22.83 -0.42 -17.97
C GLU B 290 23.58 -0.54 -19.30
N THR B 291 23.06 -1.34 -20.22
CA THR B 291 23.78 -1.62 -21.44
C THR B 291 22.98 -1.39 -22.72
N VAL B 292 23.70 -1.28 -23.83
CA VAL B 292 23.08 -1.07 -25.13
C VAL B 292 22.19 -2.24 -25.55
N GLU B 293 22.63 -3.46 -25.31
CA GLU B 293 21.83 -4.62 -25.67
C GLU B 293 20.52 -4.58 -24.89
N GLU B 294 20.58 -4.19 -23.63
CA GLU B 294 19.38 -4.02 -22.84
C GLU B 294 18.50 -2.90 -23.39
N ALA B 295 19.13 -1.82 -23.83
CA ALA B 295 18.39 -0.71 -24.40
C ALA B 295 17.68 -1.11 -25.69
N ARG B 296 18.36 -1.89 -26.52
CA ARG B 296 17.76 -2.38 -27.74
C ARG B 296 16.55 -3.27 -27.45
N SER B 297 16.62 -4.09 -26.41
CA SER B 297 15.49 -4.92 -26.02
C SER B 297 14.30 -4.08 -25.58
N LEU B 298 14.56 -3.09 -24.75
CA LEU B 298 13.51 -2.19 -24.31
C LEU B 298 12.95 -1.40 -25.49
N ALA B 299 13.82 -1.06 -26.43
CA ALA B 299 13.43 -0.33 -27.63
C ALA B 299 12.47 -1.16 -28.47
N ARG B 300 12.75 -2.45 -28.58
CA ARG B 300 11.89 -3.36 -29.29
C ARG B 300 10.52 -3.41 -28.63
N ASP B 301 10.47 -3.39 -27.31
CA ASP B 301 9.20 -3.40 -26.60
C ASP B 301 8.37 -2.16 -26.88
N PHE B 302 9.00 -0.99 -26.88
CA PHE B 302 8.32 0.25 -27.18
C PHE B 302 7.78 0.26 -28.62
N ILE B 303 8.57 -0.23 -29.56
CA ILE B 303 8.15 -0.30 -30.96
C ILE B 303 6.99 -1.28 -31.20
N GLU B 304 7.09 -2.49 -30.64
CA GLU B 304 6.00 -3.46 -30.74
C GLU B 304 4.74 -2.95 -30.06
N LEU B 305 4.88 -2.30 -28.92
CA LEU B 305 3.73 -1.76 -28.23
C LEU B 305 3.05 -0.70 -29.07
N GLY B 306 3.85 0.14 -29.71
CA GLY B 306 3.36 1.18 -30.59
C GLY B 306 2.63 0.61 -31.79
N LYS B 307 3.16 -0.47 -32.33
CA LYS B 307 2.56 -1.13 -33.48
C LYS B 307 1.15 -1.63 -33.13
N ARG B 308 0.99 -2.13 -31.91
CA ARG B 308 -0.31 -2.57 -31.42
C ARG B 308 -1.29 -1.42 -31.25
N LEU B 309 -0.76 -0.22 -31.03
CA LEU B 309 -1.59 0.96 -30.88
C LEU B 309 -1.70 1.74 -32.20
N GLY B 310 -1.18 1.15 -33.27
CA GLY B 310 -1.12 1.83 -34.55
C GLY B 310 -0.29 3.10 -34.58
N GLN B 311 0.85 3.08 -33.90
CA GLN B 311 1.72 4.25 -33.82
C GLN B 311 3.08 3.93 -34.40
N TYR B 312 3.74 4.93 -34.97
CA TYR B 312 5.09 4.76 -35.48
C TYR B 312 6.05 5.19 -34.38
N VAL B 313 6.86 4.26 -33.92
CA VAL B 313 7.76 4.54 -32.83
C VAL B 313 9.21 4.40 -33.24
N GLU B 314 9.99 5.41 -32.89
CA GLU B 314 11.42 5.39 -33.13
C GLU B 314 12.10 5.61 -31.79
N VAL B 315 13.19 4.90 -31.58
CA VAL B 315 13.88 4.96 -30.31
C VAL B 315 15.33 5.39 -30.42
N ALA B 316 15.68 6.36 -29.59
CA ALA B 316 17.06 6.81 -29.53
C ALA B 316 17.69 6.30 -28.24
N ILE B 317 18.77 5.53 -28.38
CA ILE B 317 19.49 5.04 -27.22
C ILE B 317 20.61 6.04 -26.97
N THR B 318 20.41 6.87 -25.96
CA THR B 318 21.34 7.92 -25.60
C THR B 318 22.27 7.54 -24.44
N TYR B 319 23.32 8.32 -24.24
CA TYR B 319 24.27 8.03 -23.17
C TYR B 319 23.74 8.56 -21.84
N GLY B 320 23.53 7.67 -20.90
CA GLY B 320 22.99 8.02 -19.60
C GLY B 320 23.96 7.89 -18.43
N GLY B 321 25.22 7.66 -18.75
CA GLY B 321 26.25 7.41 -17.77
C GLY B 321 26.46 8.54 -16.78
N GLN B 322 26.17 9.76 -17.22
CA GLN B 322 26.36 10.93 -16.39
C GLN B 322 25.21 11.89 -16.56
N PRO B 323 25.11 12.86 -15.66
CA PRO B 323 24.03 13.84 -15.75
C PRO B 323 24.12 14.67 -17.01
N ILE B 324 22.96 14.92 -17.62
CA ILE B 324 22.89 15.76 -18.80
C ILE B 324 23.05 17.21 -18.37
N GLY B 325 23.92 17.93 -19.06
CA GLY B 325 24.12 19.33 -18.73
C GLY B 325 24.85 19.49 -17.42
N HIS B 326 24.62 20.63 -16.78
CA HIS B 326 25.26 20.95 -15.53
C HIS B 326 24.32 21.10 -14.35
N THR B 327 23.04 20.77 -14.51
CA THR B 327 22.10 20.97 -13.41
C THR B 327 21.19 19.81 -13.09
N VAL B 328 20.87 19.68 -11.80
CA VAL B 328 19.91 18.72 -11.27
C VAL B 328 18.95 19.41 -10.31
N GLY B 329 17.66 19.19 -10.48
CA GLY B 329 16.66 19.83 -9.65
C GLY B 329 15.90 20.88 -10.44
N PRO B 330 14.66 21.14 -10.05
CA PRO B 330 13.76 21.90 -10.92
C PRO B 330 14.12 23.33 -11.31
N ALA B 331 14.41 24.24 -10.39
CA ALA B 331 14.79 25.59 -10.79
C ALA B 331 16.10 25.67 -11.57
N LEU B 332 17.11 24.93 -11.13
CA LEU B 332 18.39 24.94 -11.81
C LEU B 332 18.28 24.42 -13.25
N GLU B 333 17.54 23.34 -13.40
CA GLU B 333 17.29 22.75 -14.71
C GLU B 333 16.51 23.69 -15.63
N ALA B 334 15.55 24.41 -15.06
CA ALA B 334 14.78 25.37 -15.82
C ALA B 334 15.67 26.49 -16.33
N ARG B 335 16.55 26.97 -15.47
CA ARG B 335 17.46 28.03 -15.83
C ARG B 335 18.34 27.58 -16.97
N GLU B 336 18.86 26.36 -16.87
CA GLU B 336 19.68 25.82 -17.93
C GLU B 336 18.92 25.60 -19.25
N ALA B 337 17.72 25.04 -19.20
CA ALA B 337 16.93 24.84 -20.41
C ALA B 337 16.47 26.13 -21.08
N LEU B 338 15.92 27.06 -20.31
CA LEU B 338 15.48 28.33 -20.84
C LEU B 338 16.63 29.16 -21.41
N SER B 339 17.77 29.17 -20.72
CA SER B 339 18.95 29.87 -21.17
C SER B 339 19.51 29.30 -22.47
N ALA B 340 19.50 27.98 -22.59
CA ALA B 340 19.96 27.35 -23.81
C ALA B 340 19.06 27.71 -25.00
N LEU B 341 17.75 27.78 -24.79
CA LEU B 341 16.84 28.20 -25.84
C LEU B 341 17.04 29.66 -26.22
N MET B 342 17.12 30.52 -25.21
CA MET B 342 17.25 31.95 -25.38
C MET B 342 18.54 32.44 -26.03
N THR B 343 19.67 31.86 -25.64
CA THR B 343 20.95 32.26 -26.19
C THR B 343 21.39 31.34 -27.31
N GLY B 344 20.79 30.16 -27.35
CA GLY B 344 21.16 29.16 -28.33
C GLY B 344 22.43 28.49 -27.87
N LYS B 345 22.92 28.90 -26.70
CA LYS B 345 24.16 28.39 -26.15
C LYS B 345 23.98 27.75 -24.77
N GLY B 346 24.58 26.58 -24.59
CA GLY B 346 24.44 25.85 -23.36
C GLY B 346 25.40 24.68 -23.34
N PRO B 347 25.27 23.81 -22.36
CA PRO B 347 26.16 22.67 -22.25
C PRO B 347 26.06 21.78 -23.48
N GLY B 348 27.18 21.25 -23.92
CA GLY B 348 27.24 20.44 -25.11
C GLY B 348 26.41 19.19 -24.97
N SER B 349 26.43 18.59 -23.79
CA SER B 349 25.69 17.36 -23.57
C SER B 349 24.19 17.58 -23.79
N LEU B 350 23.66 18.67 -23.26
CA LEU B 350 22.27 19.03 -23.49
C LEU B 350 21.90 19.43 -24.93
N ILE B 351 22.66 20.37 -25.50
CA ILE B 351 22.35 20.83 -26.84
C ILE B 351 22.49 19.71 -27.85
N GLU B 352 23.56 18.94 -27.76
CA GLU B 352 23.76 17.86 -28.70
C GLU B 352 22.65 16.81 -28.60
N LYS B 353 22.27 16.44 -27.39
CA LYS B 353 21.18 15.49 -27.23
C LYS B 353 19.85 16.05 -27.72
N ALA B 354 19.53 17.28 -27.35
CA ALA B 354 18.28 17.89 -27.73
C ALA B 354 18.11 18.06 -29.24
N THR B 355 19.15 18.55 -29.91
CA THR B 355 19.12 18.70 -31.36
C THR B 355 19.03 17.35 -32.05
N GLY B 356 19.73 16.35 -31.54
CA GLY B 356 19.68 15.03 -32.13
C GLY B 356 18.29 14.42 -32.08
N LEU B 357 17.65 14.50 -30.92
CA LEU B 357 16.27 14.02 -30.76
C LEU B 357 15.28 14.84 -31.58
N ALA B 358 15.42 16.15 -31.59
CA ALA B 358 14.53 17.00 -32.34
C ALA B 358 14.66 16.66 -33.83
N GLY B 359 15.88 16.38 -34.25
CA GLY B 359 16.20 16.02 -35.62
C GLY B 359 15.55 14.75 -36.12
N ILE B 360 15.46 13.76 -35.25
CA ILE B 360 14.79 12.51 -35.59
C ILE B 360 13.32 12.80 -35.86
N LEU B 361 12.72 13.61 -34.99
CA LEU B 361 11.34 14.04 -35.13
C LEU B 361 11.09 14.88 -36.38
N LEU B 362 12.03 15.75 -36.72
CA LEU B 362 11.91 16.57 -37.92
C LEU B 362 11.90 15.72 -39.17
N GLU B 363 12.80 14.75 -39.24
CA GLU B 363 12.81 13.82 -40.33
C GLU B 363 11.56 12.95 -40.38
N MET B 364 11.12 12.45 -39.22
CA MET B 364 9.91 11.65 -39.10
C MET B 364 8.73 12.49 -39.55
N GLY B 365 8.78 13.76 -39.18
CA GLY B 365 7.77 14.74 -39.52
C GLY B 365 7.71 15.08 -40.99
N GLY B 366 8.78 14.78 -41.72
CA GLY B 366 8.87 15.10 -43.12
C GLY B 366 9.34 16.53 -43.40
N VAL B 367 9.62 17.27 -42.34
CA VAL B 367 10.10 18.63 -42.46
C VAL B 367 11.60 18.69 -42.75
N ALA B 368 12.27 17.56 -42.62
CA ALA B 368 13.69 17.50 -42.90
C ALA B 368 14.06 16.28 -43.72
N PRO B 369 14.90 16.51 -44.71
CA PRO B 369 15.37 15.44 -45.59
C PRO B 369 16.20 14.47 -44.78
N ALA B 370 16.25 13.23 -45.21
CA ALA B 370 16.94 12.24 -44.43
C ALA B 370 18.38 12.70 -44.20
N GLY B 371 18.79 12.61 -42.95
CA GLY B 371 20.13 12.93 -42.51
C GLY B 371 20.43 14.38 -42.23
N THR B 372 19.47 15.27 -42.45
CA THR B 372 19.65 16.70 -42.19
C THR B 372 18.94 17.21 -40.95
N GLY B 373 18.22 16.34 -40.27
CA GLY B 373 17.40 16.74 -39.16
C GLY B 373 18.12 17.39 -37.99
N LYS B 374 19.23 16.81 -37.58
CA LYS B 374 20.01 17.38 -36.48
C LYS B 374 20.55 18.77 -36.86
N LYS B 375 21.05 18.93 -38.07
CA LYS B 375 21.52 20.21 -38.52
C LYS B 375 20.38 21.21 -38.51
N MET B 376 19.22 20.78 -38.99
CA MET B 376 18.06 21.66 -39.03
C MET B 376 17.62 22.11 -37.65
N ALA B 377 17.68 21.20 -36.69
CA ALA B 377 17.33 21.50 -35.31
C ALA B 377 18.29 22.55 -34.70
N LYS B 378 19.57 22.40 -34.97
CA LYS B 378 20.58 23.35 -34.51
C LYS B 378 20.33 24.74 -35.10
N GLU B 379 19.97 24.81 -36.37
CA GLU B 379 19.65 26.09 -36.99
C GLU B 379 18.44 26.72 -36.33
N ILE B 380 17.44 25.91 -36.02
CA ILE B 380 16.25 26.38 -35.34
C ILE B 380 16.56 26.93 -33.94
N LEU B 381 17.43 26.24 -33.22
CA LEU B 381 17.86 26.71 -31.91
C LEU B 381 18.70 28.00 -31.95
N GLU B 382 19.71 28.01 -32.80
CA GLU B 382 20.61 29.16 -32.97
C GLU B 382 19.95 30.43 -33.50
N SER B 383 18.98 30.28 -34.39
CA SER B 383 18.23 31.39 -34.96
C SER B 383 17.23 32.03 -34.00
N GLY B 384 16.96 31.36 -32.89
CA GLY B 384 15.98 31.82 -31.93
C GLY B 384 14.55 31.43 -32.25
N LYS B 385 14.36 30.63 -33.29
CA LYS B 385 13.03 30.19 -33.66
C LYS B 385 12.42 29.31 -32.56
N ALA B 386 13.23 28.43 -31.99
CA ALA B 386 12.79 27.58 -30.90
C ALA B 386 12.40 28.45 -29.72
N TRP B 387 13.18 29.48 -29.45
CA TRP B 387 12.88 30.37 -28.38
C TRP B 387 11.60 31.12 -28.58
N GLU B 388 11.33 31.56 -29.80
CA GLU B 388 10.07 32.24 -30.07
C GLU B 388 8.88 31.29 -29.87
N LYS B 389 9.01 30.04 -30.29
CA LYS B 389 7.97 29.07 -30.03
C LYS B 389 7.80 28.83 -28.54
N MET B 390 8.90 28.73 -27.81
CA MET B 390 8.83 28.52 -26.37
C MET B 390 8.12 29.66 -25.67
N LYS B 391 8.36 30.87 -26.13
CA LYS B 391 7.70 32.02 -25.55
C LYS B 391 6.20 31.87 -25.73
N GLU B 392 5.78 31.35 -26.88
CA GLU B 392 4.36 31.11 -27.13
C GLU B 392 3.77 30.07 -26.18
N ILE B 393 4.47 28.95 -26.01
CA ILE B 393 3.97 27.90 -25.17
C ILE B 393 3.82 28.44 -23.76
N ILE B 394 4.83 29.16 -23.32
CA ILE B 394 4.83 29.72 -22.00
C ILE B 394 3.68 30.70 -21.78
N GLU B 395 3.43 31.58 -22.73
CA GLU B 395 2.34 32.54 -22.56
C GLU B 395 0.99 31.83 -22.47
N ALA B 396 0.78 30.86 -23.34
CA ALA B 396 -0.44 30.07 -23.40
C ALA B 396 -0.67 29.28 -22.12
N GLN B 397 0.42 28.92 -21.45
CA GLN B 397 0.36 28.13 -20.24
C GLN B 397 0.34 28.98 -18.99
N GLY B 398 0.14 30.28 -19.15
CA GLY B 398 0.04 31.19 -18.02
C GLY B 398 1.33 31.74 -17.43
N GLY B 399 2.46 31.40 -18.03
CA GLY B 399 3.76 31.90 -17.63
C GLY B 399 4.08 33.27 -18.21
N ASP B 400 5.15 33.89 -17.73
CA ASP B 400 5.59 35.17 -18.28
C ASP B 400 6.51 34.91 -19.45
N PRO B 401 6.08 35.36 -20.62
CA PRO B 401 6.84 35.17 -21.87
C PRO B 401 8.19 35.88 -21.84
N ASN B 402 8.30 36.89 -20.99
CA ASN B 402 9.50 37.72 -20.91
C ASN B 402 10.44 37.43 -19.73
N ILE B 403 10.28 36.28 -19.10
CA ILE B 403 11.11 35.98 -17.96
C ILE B 403 12.57 35.87 -18.37
N LYS B 404 13.44 36.23 -17.44
CA LYS B 404 14.86 36.11 -17.68
C LYS B 404 15.30 34.87 -16.95
N PRO B 405 15.94 33.95 -17.66
CA PRO B 405 16.39 32.71 -17.04
C PRO B 405 17.38 32.93 -15.91
N GLU B 406 18.26 33.90 -16.08
CA GLU B 406 19.28 34.20 -15.10
C GLU B 406 18.63 34.63 -13.80
N GLU B 407 17.48 35.27 -13.91
CA GLU B 407 16.75 35.79 -12.76
C GLU B 407 15.92 34.78 -11.97
N ILE B 408 15.76 33.56 -12.45
CA ILE B 408 14.96 32.59 -11.72
C ILE B 408 15.66 32.23 -10.42
N PRO B 409 14.93 32.36 -9.32
CA PRO B 409 15.49 32.09 -8.00
C PRO B 409 15.89 30.63 -7.78
N ILE B 410 17.00 30.45 -7.09
CA ILE B 410 17.51 29.14 -6.75
C ILE B 410 17.82 29.16 -5.27
N GLY B 411 18.03 27.99 -4.67
CA GLY B 411 18.22 27.94 -3.24
C GLY B 411 19.41 28.75 -2.80
N ASP B 412 19.19 29.54 -1.74
CA ASP B 412 20.21 30.41 -1.20
C ASP B 412 21.14 29.75 -0.17
N LYS B 413 20.91 28.48 0.16
CA LYS B 413 21.79 27.77 1.06
C LYS B 413 22.69 26.92 0.19
N THR B 414 23.98 27.17 0.25
CA THR B 414 24.89 26.42 -0.61
C THR B 414 26.12 25.91 0.10
N TYR B 415 26.71 24.86 -0.46
CA TYR B 415 27.98 24.33 -0.06
C TYR B 415 28.66 23.76 -1.30
N THR B 416 29.95 24.02 -1.46
CA THR B 416 30.66 23.52 -2.62
C THR B 416 31.72 22.50 -2.28
N PHE B 417 31.68 21.37 -2.97
CA PHE B 417 32.66 20.33 -2.82
C PHE B 417 33.76 20.59 -3.84
N THR B 418 35.00 20.40 -3.44
CA THR B 418 36.16 20.69 -4.26
C THR B 418 37.04 19.46 -4.40
N ALA B 419 37.95 19.47 -5.35
CA ALA B 419 38.74 18.29 -5.58
C ALA B 419 39.76 18.03 -4.46
N ALA B 420 39.67 16.84 -3.88
CA ALA B 420 40.61 16.38 -2.86
C ALA B 420 42.02 16.20 -3.43
N THR B 421 42.10 15.70 -4.66
CA THR B 421 43.37 15.48 -5.34
C THR B 421 43.29 15.94 -6.78
N SER B 422 44.45 16.06 -7.41
CA SER B 422 44.50 16.36 -8.83
C SER B 422 44.35 15.08 -9.64
N GLY B 423 43.85 15.20 -10.86
CA GLY B 423 43.66 14.04 -11.71
C GLY B 423 42.60 14.27 -12.76
N TYR B 424 42.06 13.19 -13.28
CA TYR B 424 41.00 13.28 -14.27
C TYR B 424 39.76 12.66 -13.67
N VAL B 425 38.60 13.24 -13.94
CA VAL B 425 37.36 12.64 -13.48
C VAL B 425 37.19 11.38 -14.31
N THR B 426 37.06 10.24 -13.65
CA THR B 426 36.87 8.98 -14.36
C THR B 426 35.43 8.50 -14.30
N ALA B 427 34.69 8.93 -13.30
CA ALA B 427 33.29 8.56 -13.18
C ALA B 427 32.47 9.52 -12.35
N ILE B 428 31.19 9.59 -12.65
CA ILE B 428 30.24 10.34 -11.85
C ILE B 428 29.09 9.37 -11.54
N ASP B 429 28.75 9.24 -10.27
CA ASP B 429 27.74 8.29 -9.83
C ASP B 429 26.38 8.97 -9.85
N ASN B 430 25.57 8.60 -10.84
CA ASN B 430 24.25 9.17 -11.03
C ASN B 430 23.35 8.92 -9.85
N ARG B 431 23.42 7.71 -9.31
CA ARG B 431 22.58 7.33 -8.19
C ARG B 431 22.88 8.19 -6.97
N ALA B 432 24.15 8.41 -6.68
CA ALA B 432 24.53 9.29 -5.60
C ALA B 432 24.09 10.74 -5.83
N ILE B 433 24.29 11.24 -7.04
CA ILE B 433 23.92 12.61 -7.40
C ILE B 433 22.42 12.87 -7.25
N THR B 434 21.59 11.95 -7.72
CA THR B 434 20.15 12.12 -7.54
C THR B 434 19.77 12.12 -6.07
N ALA B 435 20.36 11.21 -5.30
CA ALA B 435 20.07 11.13 -3.87
C ALA B 435 20.45 12.41 -3.12
N ILE B 436 21.61 12.96 -3.41
CA ILE B 436 22.05 14.19 -2.79
C ILE B 436 21.10 15.32 -3.12
N ALA B 437 20.72 15.41 -4.39
CA ALA B 437 19.79 16.45 -4.83
C ALA B 437 18.43 16.32 -4.14
N ARG B 438 17.97 15.09 -4.00
CA ARG B 438 16.72 14.83 -3.28
C ARG B 438 16.83 15.23 -1.80
N ALA B 439 17.98 14.94 -1.20
CA ALA B 439 18.25 15.28 0.19
C ALA B 439 18.19 16.78 0.37
N ALA B 440 18.61 17.49 -0.67
CA ALA B 440 18.59 18.94 -0.70
C ALA B 440 17.17 19.53 -0.70
N GLY B 441 16.18 18.68 -0.97
CA GLY B 441 14.79 19.09 -1.04
C GLY B 441 14.09 19.08 -2.40
N ALA B 442 14.81 18.74 -3.45
CA ALA B 442 14.25 18.57 -4.79
C ALA B 442 13.47 17.25 -4.88
N PRO B 443 12.33 17.25 -5.57
CA PRO B 443 11.83 18.41 -6.30
C PRO B 443 10.87 19.31 -5.55
N GLU B 444 10.49 18.97 -4.33
CA GLU B 444 9.50 19.72 -3.60
C GLU B 444 9.96 21.16 -3.39
N ASP B 445 11.24 21.33 -3.14
CA ASP B 445 11.82 22.66 -3.08
C ASP B 445 12.44 22.86 -4.45
N LYS B 446 11.83 23.73 -5.24
CA LYS B 446 12.24 23.94 -6.63
C LYS B 446 13.66 24.46 -6.75
N GLY B 447 14.05 25.27 -5.78
CA GLY B 447 15.38 25.84 -5.64
C GLY B 447 16.49 24.82 -5.40
N ALA B 448 16.15 23.71 -4.77
CA ALA B 448 17.10 22.68 -4.40
C ALA B 448 17.68 21.87 -5.54
N GLY B 449 18.95 21.53 -5.43
CA GLY B 449 19.59 20.74 -6.45
C GLY B 449 21.11 20.81 -6.43
N ILE B 450 21.69 20.36 -7.50
CA ILE B 450 23.12 20.37 -7.65
C ILE B 450 23.52 21.10 -8.92
N GLU B 451 24.55 21.92 -8.84
CA GLU B 451 25.15 22.49 -10.03
C GLU B 451 26.44 21.73 -10.20
N LEU B 452 26.61 21.10 -11.35
CA LEU B 452 27.77 20.28 -11.59
C LEU B 452 28.77 21.03 -12.45
N TYR B 453 29.99 21.18 -11.94
CA TYR B 453 31.03 21.87 -12.68
C TYR B 453 31.91 20.98 -13.52
N VAL B 454 31.87 19.68 -13.25
CA VAL B 454 32.77 18.78 -13.95
C VAL B 454 32.06 17.60 -14.59
N LYS B 455 32.70 17.04 -15.59
CA LYS B 455 32.21 15.92 -16.33
C LYS B 455 33.34 14.93 -16.51
N VAL B 456 32.99 13.69 -16.86
CA VAL B 456 33.97 12.64 -17.04
C VAL B 456 34.99 12.93 -18.14
N GLY B 457 36.25 12.58 -17.85
CA GLY B 457 37.36 12.78 -18.75
C GLY B 457 38.02 14.15 -18.59
N GLU B 458 37.44 14.99 -17.77
CA GLU B 458 37.97 16.30 -17.48
C GLU B 458 39.11 16.31 -16.45
N LYS B 459 40.19 17.01 -16.78
CA LYS B 459 41.32 17.15 -15.88
C LYS B 459 41.00 18.14 -14.80
N VAL B 460 41.35 17.81 -13.58
CA VAL B 460 41.07 18.69 -12.46
C VAL B 460 42.30 18.91 -11.60
N LYS B 461 42.37 20.07 -10.96
CA LYS B 461 43.46 20.39 -10.06
C LYS B 461 42.91 20.38 -8.65
N GLU B 462 43.73 20.02 -7.69
CA GLU B 462 43.25 19.95 -6.32
C GLU B 462 42.70 21.31 -5.98
N GLY B 463 41.51 21.32 -5.41
CA GLY B 463 40.82 22.54 -5.06
C GLY B 463 39.89 23.15 -6.10
N ASP B 464 39.82 22.55 -7.28
CA ASP B 464 38.85 22.96 -8.29
C ASP B 464 37.45 22.61 -7.80
N PRO B 465 36.48 23.49 -8.04
CA PRO B 465 35.09 23.20 -7.63
C PRO B 465 34.57 21.98 -8.36
N LEU B 466 33.90 21.07 -7.65
CA LEU B 466 33.36 19.89 -8.29
C LEU B 466 31.86 20.04 -8.56
N PHE B 467 31.11 20.39 -7.54
CA PHE B 467 29.69 20.67 -7.66
C PHE B 467 29.26 21.53 -6.50
N THR B 468 28.13 22.20 -6.66
CA THR B 468 27.58 23.00 -5.59
C THR B 468 26.19 22.52 -5.26
N ILE B 469 25.90 22.45 -3.96
CA ILE B 469 24.60 22.01 -3.51
C ILE B 469 23.76 23.24 -3.17
N HIS B 470 22.51 23.23 -3.61
CA HIS B 470 21.60 24.34 -3.35
C HIS B 470 20.45 23.84 -2.54
N ALA B 471 20.06 24.59 -1.53
CA ALA B 471 18.94 24.20 -0.70
C ALA B 471 18.17 25.42 -0.26
N GLU B 472 16.87 25.26 -0.05
CA GLU B 472 16.08 26.35 0.46
C GLU B 472 16.09 26.36 1.98
N HIS B 473 16.43 25.22 2.57
CA HIS B 473 16.47 25.08 4.02
C HIS B 473 17.78 24.54 4.52
N GLU B 474 18.24 25.08 5.63
CA GLU B 474 19.55 24.73 6.15
C GLU B 474 19.69 23.26 6.49
N ALA B 475 18.66 22.70 7.11
CA ALA B 475 18.69 21.30 7.49
C ALA B 475 18.80 20.42 6.26
N ARG B 476 18.06 20.78 5.22
CA ARG B 476 18.07 20.03 3.98
C ARG B 476 19.45 20.07 3.33
N LEU B 477 20.08 21.23 3.38
CA LEU B 477 21.44 21.36 2.87
C LEU B 477 22.42 20.48 3.64
N ASP B 478 22.32 20.50 4.96
CA ASP B 478 23.23 19.71 5.80
C ASP B 478 23.10 18.21 5.58
N GLN B 479 21.89 17.72 5.41
CA GLN B 479 21.69 16.30 5.12
C GLN B 479 22.30 15.95 3.77
N ALA B 480 22.16 16.85 2.81
CA ALA B 480 22.75 16.65 1.50
C ALA B 480 24.27 16.58 1.53
N ILE B 481 24.89 17.46 2.31
CA ILE B 481 26.33 17.49 2.44
C ILE B 481 26.81 16.17 3.03
N VAL B 482 26.07 15.66 4.00
CA VAL B 482 26.41 14.41 4.64
C VAL B 482 26.39 13.26 3.64
N LEU B 483 25.35 13.21 2.83
CA LEU B 483 25.24 12.16 1.84
C LEU B 483 26.36 12.28 0.85
N ALA B 484 26.61 13.50 0.40
CA ALA B 484 27.64 13.73 -0.58
C ALA B 484 28.99 13.32 -0.04
N ARG B 485 29.25 13.64 1.22
CA ARG B 485 30.51 13.26 1.83
C ARG B 485 30.65 11.75 1.89
N ARG B 486 29.61 11.06 2.35
CA ARG B 486 29.65 9.60 2.37
C ARG B 486 29.69 9.03 0.96
N THR B 487 28.86 9.58 0.10
CA THR B 487 28.74 9.14 -1.29
C THR B 487 29.97 9.32 -2.17
N GLU B 488 30.61 10.47 -2.10
CA GLU B 488 31.75 10.72 -2.95
C GLU B 488 31.41 10.48 -4.42
N PRO B 489 30.45 11.23 -4.94
CA PRO B 489 29.93 11.02 -6.29
C PRO B 489 30.97 11.16 -7.40
N ILE B 490 31.89 12.10 -7.27
CA ILE B 490 32.89 12.28 -8.32
C ILE B 490 34.16 11.51 -8.03
N ARG B 491 34.54 10.67 -8.98
CA ARG B 491 35.73 9.87 -8.86
C ARG B 491 36.88 10.47 -9.67
N ILE B 492 37.97 10.81 -8.99
CA ILE B 492 39.14 11.38 -9.62
C ILE B 492 40.30 10.40 -9.62
N GLU B 493 40.99 10.29 -10.74
CA GLU B 493 42.12 9.40 -10.85
C GLU B 493 43.29 10.09 -11.53
P AMP C . -7.10 -16.71 9.42
O1P AMP C . -7.74 -17.98 9.85
O2P AMP C . -7.98 -15.53 9.44
O3P AMP C . -6.25 -16.89 8.22
O5' AMP C . -6.04 -16.38 10.56
C5' AMP C . -6.43 -15.65 11.72
C4' AMP C . -6.63 -16.61 12.89
O4' AMP C . -5.50 -17.46 13.03
C3' AMP C . -6.74 -15.81 14.15
O3' AMP C . -7.64 -16.44 15.05
C2' AMP C . -5.28 -15.75 14.63
O2' AMP C . -5.14 -15.79 16.05
C1' AMP C . -4.56 -16.89 13.94
N9 AMP C . -3.45 -16.36 13.12
C8 AMP C . -3.10 -16.85 11.94
N7 AMP C . -2.08 -16.18 11.40
C5 AMP C . -1.76 -15.21 12.25
C6 AMP C . -0.75 -14.14 12.28
N6 AMP C . 0.12 -13.98 11.26
N1 AMP C . -0.73 -13.34 13.36
C2 AMP C . -1.60 -13.51 14.36
N3 AMP C . -2.54 -14.46 14.41
C4 AMP C . -2.67 -15.33 13.39
S SO4 D . -6.17 -18.79 17.47
O1 SO4 D . -6.21 -18.82 15.99
O2 SO4 D . -7.33 -19.53 18.01
O3 SO4 D . -4.92 -19.40 17.95
O4 SO4 D . -6.24 -17.38 17.93
S SO4 E . -18.26 -33.53 12.91
O1 SO4 E . -18.39 -33.87 11.48
O2 SO4 E . -19.58 -33.39 13.52
O3 SO4 E . -17.51 -34.61 13.55
O4 SO4 E . -17.55 -32.26 13.02
P AMP F . 12.40 9.74 -13.38
O1P AMP F . 11.90 10.68 -12.33
O2P AMP F . 12.61 8.33 -13.00
O3P AMP F . 13.48 10.28 -14.23
O5' AMP F . 11.15 9.64 -14.36
C5' AMP F . 10.31 10.77 -14.56
C4' AMP F . 10.66 11.52 -15.85
O4' AMP F . 10.77 10.63 -16.96
C3' AMP F . 9.52 12.45 -16.18
O3' AMP F . 10.05 13.61 -16.82
C2' AMP F . 8.62 11.57 -17.04
O2' AMP F . 7.90 12.27 -18.04
C1' AMP F . 9.51 10.47 -17.60
N9 AMP F . 8.99 9.13 -17.21
C8 AMP F . 9.76 8.08 -16.90
N7 AMP F . 9.04 7.00 -16.58
C5 AMP F . 7.75 7.34 -16.68
C6 AMP F . 6.46 6.66 -16.48
N6 AMP F . 6.39 5.37 -16.08
N1 AMP F . 5.34 7.37 -16.69
C2 AMP F . 5.39 8.65 -17.07
N3 AMP F . 6.52 9.32 -17.28
C4 AMP F . 7.73 8.74 -17.10
S SO4 G . 10.09 13.65 -20.40
O1 SO4 G . 10.89 12.87 -19.42
O2 SO4 G . 10.82 14.88 -20.76
O3 SO4 G . 9.87 12.83 -21.62
O4 SO4 G . 8.78 13.99 -19.80
S SO4 H . 29.01 19.33 -20.93
O1 SO4 H . 28.64 19.15 -22.32
O2 SO4 H . 27.98 18.83 -20.02
O3 SO4 H . 30.22 18.54 -20.71
O4 SO4 H . 29.19 20.74 -20.65
#